data_3C5C
#
_entry.id   3C5C
#
_cell.length_a   34.040
_cell.length_b   66.436
_cell.length_c   71.943
_cell.angle_alpha   101.460
_cell.angle_beta   90.030
_cell.angle_gamma   89.890
#
_symmetry.space_group_name_H-M   'P 1'
#
loop_
_entity.id
_entity.type
_entity.pdbx_description
1 polymer 'RAS-like protein 12'
2 non-polymer 'MAGNESIUM ION'
3 non-polymer "GUANOSINE-5'-DIPHOSPHATE"
4 non-polymer 'UNKNOWN ATOM OR ION'
5 water water
#
_entity_poly.entity_id   1
_entity_poly.type   'polypeptide(L)'
_entity_poly.pdbx_seq_one_letter_code
;MHHHHHHSSGRENLYFQGPLEVNLAILGRRGAGKSALTVKFLTKRFISEYDPNLEDTYSSEETVDHQPVHLRVMDTADLD
TPRNCERYLNWAHAFLVVYSVDSRQSFDSSSSYLELLALHAKETQRSIPALLLGNKLDMAQYRQVTKAEGVALAGRFGCL
FFEVSACLDFEHVQHVFHEAVREARRE
;
_entity_poly.pdbx_strand_id   A,B,C,D
#
loop_
_chem_comp.id
_chem_comp.type
_chem_comp.name
_chem_comp.formula
GDP RNA linking GUANOSINE-5'-DIPHOSPHATE 'C10 H15 N5 O11 P2'
MG non-polymer 'MAGNESIUM ION' 'Mg 2'
UNX non-polymer 'UNKNOWN ATOM OR ION' ?
#
# COMPACT_ATOMS: atom_id res chain seq x y z
N LEU A 20 -30.99 11.43 -13.73
CA LEU A 20 -29.90 12.08 -14.53
C LEU A 20 -29.08 11.03 -15.26
N GLU A 21 -28.98 11.17 -16.59
CA GLU A 21 -28.16 10.27 -17.41
C GLU A 21 -26.82 10.94 -17.73
N VAL A 22 -25.75 10.21 -17.47
CA VAL A 22 -24.40 10.69 -17.75
C VAL A 22 -23.71 9.67 -18.67
N ASN A 23 -23.24 10.16 -19.81
CA ASN A 23 -22.53 9.36 -20.79
C ASN A 23 -21.02 9.51 -20.55
N LEU A 24 -20.36 8.38 -20.31
CA LEU A 24 -18.90 8.32 -20.17
CA LEU A 24 -18.91 8.34 -20.18
C LEU A 24 -18.38 7.42 -21.28
N ALA A 25 -17.38 7.89 -22.02
CA ALA A 25 -16.73 7.08 -23.06
C ALA A 25 -15.28 6.82 -22.68
N ILE A 26 -14.85 5.58 -22.88
CA ILE A 26 -13.51 5.12 -22.53
C ILE A 26 -12.75 4.84 -23.82
N LEU A 27 -11.66 5.59 -24.03
CA LEU A 27 -10.87 5.51 -25.26
C LEU A 27 -9.48 5.06 -24.92
N GLY A 28 -8.73 4.70 -25.95
CA GLY A 28 -7.37 4.23 -25.78
C GLY A 28 -6.99 3.01 -26.58
N ARG A 29 -5.68 2.85 -26.73
CA ARG A 29 -5.17 1.74 -27.51
C ARG A 29 -5.59 0.36 -26.93
N ARG A 30 -6.03 -0.50 -27.84
CA ARG A 30 -6.21 -1.91 -27.56
C ARG A 30 -5.10 -2.44 -26.63
N GLY A 31 -5.51 -3.17 -25.61
CA GLY A 31 -4.56 -3.73 -24.67
C GLY A 31 -4.37 -2.93 -23.40
N ALA A 32 -4.84 -1.67 -23.40
CA ALA A 32 -4.57 -0.74 -22.30
C ALA A 32 -5.32 -1.12 -20.99
N GLY A 33 -6.39 -1.90 -21.11
CA GLY A 33 -7.24 -2.33 -19.97
C GLY A 33 -8.58 -1.58 -19.86
N LYS A 34 -9.08 -1.04 -20.98
CA LYS A 34 -10.37 -0.33 -21.02
C LYS A 34 -11.54 -1.20 -20.51
N SER A 35 -11.63 -2.42 -21.01
CA SER A 35 -12.68 -3.36 -20.61
C SER A 35 -12.48 -3.90 -19.20
N ALA A 36 -11.25 -4.21 -18.84
CA ALA A 36 -10.96 -4.63 -17.45
C ALA A 36 -11.40 -3.55 -16.45
N LEU A 37 -11.14 -2.28 -16.77
CA LEU A 37 -11.50 -1.21 -15.87
C LEU A 37 -13.03 -1.09 -15.78
N THR A 38 -13.68 -1.21 -16.94
CA THR A 38 -15.14 -1.17 -17.02
C THR A 38 -15.78 -2.31 -16.24
N VAL A 39 -15.29 -3.52 -16.44
CA VAL A 39 -15.88 -4.69 -15.79
C VAL A 39 -15.64 -4.59 -14.28
N LYS A 40 -14.45 -4.11 -13.87
CA LYS A 40 -14.14 -3.92 -12.44
C LYS A 40 -15.08 -2.89 -11.84
N PHE A 41 -15.25 -1.75 -12.51
CA PHE A 41 -16.23 -0.77 -12.07
C PHE A 41 -17.65 -1.42 -11.92
N LEU A 42 -18.13 -2.08 -12.96
CA LEU A 42 -19.46 -2.71 -12.95
C LEU A 42 -19.66 -3.86 -11.95
N THR A 43 -18.66 -4.70 -11.79
CA THR A 43 -18.83 -5.99 -11.13
C THR A 43 -18.02 -6.15 -9.86
N LYS A 44 -17.09 -5.20 -9.62
CA LYS A 44 -16.10 -5.30 -8.56
C LYS A 44 -15.14 -6.49 -8.72
N ARG A 45 -15.05 -7.08 -9.93
CA ARG A 45 -14.12 -8.19 -10.22
C ARG A 45 -13.18 -7.89 -11.39
N PHE A 46 -11.98 -8.46 -11.34
CA PHE A 46 -11.03 -8.42 -12.45
C PHE A 46 -11.25 -9.61 -13.40
N ILE A 47 -11.53 -9.28 -14.65
CA ILE A 47 -11.74 -10.25 -15.69
C ILE A 47 -10.64 -9.94 -16.72
N SER A 48 -9.76 -10.92 -16.88
CA SER A 48 -8.47 -10.72 -17.54
C SER A 48 -8.49 -11.03 -19.03
N GLU A 49 -9.49 -11.79 -19.47
CA GLU A 49 -9.67 -12.05 -20.87
C GLU A 49 -11.12 -11.68 -21.19
N TYR A 50 -11.26 -10.57 -21.88
CA TYR A 50 -12.55 -10.03 -22.24
C TYR A 50 -12.47 -9.62 -23.68
N ASP A 51 -13.25 -10.26 -24.53
CA ASP A 51 -13.32 -9.97 -25.98
C ASP A 51 -12.71 -8.60 -26.39
N PRO A 52 -11.46 -8.61 -26.91
CA PRO A 52 -10.75 -7.36 -27.32
C PRO A 52 -11.45 -6.55 -28.42
N ASN A 53 -12.34 -7.20 -29.18
CA ASN A 53 -13.09 -6.56 -30.27
C ASN A 53 -14.45 -6.04 -29.84
N LEU A 54 -14.91 -6.41 -28.64
CA LEU A 54 -16.27 -6.00 -28.23
C LEU A 54 -16.34 -4.52 -27.79
N GLU A 55 -17.11 -3.76 -28.54
CA GLU A 55 -17.49 -2.40 -28.16
C GLU A 55 -18.97 -2.33 -27.78
N ASP A 56 -19.28 -1.72 -26.66
CA ASP A 56 -20.66 -1.59 -26.21
C ASP A 56 -20.77 -0.58 -25.05
N THR A 57 -22.00 -0.16 -24.83
CA THR A 57 -22.40 0.72 -23.72
C THR A 57 -23.05 -0.09 -22.57
N TYR A 58 -22.54 0.14 -21.35
CA TYR A 58 -22.93 -0.58 -20.17
C TYR A 58 -23.65 0.42 -19.29
N SER A 59 -24.81 0.04 -18.80
CA SER A 59 -25.66 0.90 -17.98
C SER A 59 -25.54 0.49 -16.51
N SER A 60 -25.42 1.47 -15.62
CA SER A 60 -25.51 1.22 -14.18
C SER A 60 -26.12 2.39 -13.40
N GLU A 61 -26.84 2.04 -12.36
CA GLU A 61 -27.40 3.07 -11.47
C GLU A 61 -26.37 3.34 -10.37
N GLU A 62 -25.91 4.57 -10.33
CA GLU A 62 -24.88 4.98 -9.39
C GLU A 62 -25.41 6.07 -8.49
N THR A 63 -24.67 6.32 -7.42
CA THR A 63 -24.86 7.47 -6.56
C THR A 63 -23.52 8.21 -6.38
N VAL A 64 -23.49 9.44 -6.88
CA VAL A 64 -22.32 10.29 -6.86
C VAL A 64 -22.63 11.59 -6.10
N ASP A 65 -21.92 11.78 -4.99
CA ASP A 65 -22.17 12.88 -4.07
C ASP A 65 -23.63 12.92 -3.63
N HIS A 66 -24.12 11.77 -3.12
CA HIS A 66 -25.52 11.59 -2.66
C HIS A 66 -26.57 11.83 -3.71
N GLN A 67 -26.18 11.82 -4.97
CA GLN A 67 -27.11 12.12 -6.04
C GLN A 67 -27.14 10.94 -7.01
N PRO A 68 -28.34 10.46 -7.35
CA PRO A 68 -28.47 9.30 -8.21
C PRO A 68 -28.19 9.64 -9.67
N VAL A 69 -27.47 8.75 -10.33
CA VAL A 69 -27.09 8.90 -11.73
C VAL A 69 -27.42 7.59 -12.46
N HIS A 70 -28.03 7.70 -13.64
CA HIS A 70 -28.02 6.60 -14.63
C HIS A 70 -26.74 6.75 -15.44
N LEU A 71 -25.72 5.99 -15.09
CA LEU A 71 -24.46 6.07 -15.79
C LEU A 71 -24.45 5.16 -17.01
N ARG A 72 -23.95 5.68 -18.12
CA ARG A 72 -23.75 4.92 -19.37
C ARG A 72 -22.29 4.92 -19.70
N VAL A 73 -21.66 3.75 -19.70
CA VAL A 73 -20.21 3.63 -19.94
C VAL A 73 -19.98 3.01 -21.31
N MET A 74 -19.54 3.81 -22.24
CA MET A 74 -19.14 3.29 -23.60
C MET A 74 -17.66 2.83 -23.62
N ASP A 75 -17.50 1.51 -23.65
CA ASP A 75 -16.19 0.85 -23.67
C ASP A 75 -15.89 0.57 -25.15
N THR A 76 -14.98 1.36 -25.70
CA THR A 76 -14.76 1.38 -27.13
C THR A 76 -13.75 0.33 -27.52
N ALA A 77 -13.82 -0.04 -28.78
CA ALA A 77 -12.86 -0.92 -29.42
C ALA A 77 -12.74 -0.42 -30.87
N ASP A 78 -11.59 0.14 -31.23
CA ASP A 78 -11.44 0.77 -32.55
C ASP A 78 -11.17 -0.26 -33.63
N PRO A 82 -9.90 2.85 -38.27
CA PRO A 82 -10.75 3.62 -37.39
C PRO A 82 -11.68 4.58 -38.16
N ARG A 83 -12.89 4.73 -37.65
CA ARG A 83 -13.92 5.48 -38.36
C ARG A 83 -15.14 5.78 -37.51
N ASN A 84 -15.88 6.81 -37.90
CA ASN A 84 -17.09 7.24 -37.20
C ASN A 84 -16.86 7.43 -35.69
N CYS A 85 -15.80 8.17 -35.36
CA CYS A 85 -15.49 8.52 -33.96
C CYS A 85 -16.55 9.37 -33.31
N GLU A 86 -17.38 10.03 -34.13
CA GLU A 86 -18.48 10.86 -33.68
C GLU A 86 -19.45 10.07 -32.82
N ARG A 87 -19.51 8.76 -33.01
CA ARG A 87 -20.30 7.86 -32.17
C ARG A 87 -20.05 8.13 -30.67
N TYR A 88 -18.82 8.52 -30.33
CA TYR A 88 -18.50 8.95 -28.94
C TYR A 88 -18.24 10.45 -28.76
N LEU A 89 -17.69 11.10 -29.80
CA LEU A 89 -17.37 12.53 -29.77
C LEU A 89 -18.61 13.41 -29.59
N ASN A 90 -19.73 13.04 -30.22
CA ASN A 90 -20.97 13.80 -30.10
C ASN A 90 -21.97 13.21 -29.08
N TRP A 91 -21.52 12.22 -28.33
CA TRP A 91 -22.35 11.56 -27.37
C TRP A 91 -21.89 11.76 -25.92
N ALA A 92 -20.60 11.52 -25.66
CA ALA A 92 -20.11 11.52 -24.28
C ALA A 92 -20.24 12.88 -23.59
N HIS A 93 -20.45 12.86 -22.28
CA HIS A 93 -20.42 14.04 -21.43
C HIS A 93 -19.07 14.13 -20.73
N ALA A 94 -18.28 13.05 -20.82
CA ALA A 94 -16.90 13.06 -20.31
C ALA A 94 -16.15 11.85 -20.87
N PHE A 95 -14.83 11.94 -20.91
CA PHE A 95 -14.02 10.84 -21.41
C PHE A 95 -13.03 10.32 -20.38
N LEU A 96 -12.81 9.02 -20.40
CA LEU A 96 -11.60 8.42 -19.80
C LEU A 96 -10.69 8.02 -20.98
N VAL A 97 -9.47 8.54 -21.00
CA VAL A 97 -8.44 8.10 -22.03
C VAL A 97 -7.39 7.27 -21.28
N VAL A 98 -7.28 6.00 -21.66
CA VAL A 98 -6.51 4.99 -20.91
C VAL A 98 -5.23 4.55 -21.66
N TYR A 99 -4.11 4.55 -20.94
CA TYR A 99 -2.90 3.88 -21.39
C TYR A 99 -2.44 2.93 -20.28
N SER A 100 -1.48 2.08 -20.61
CA SER A 100 -0.87 1.22 -19.65
C SER A 100 0.52 1.77 -19.28
N VAL A 101 0.80 1.86 -17.97
CA VAL A 101 2.07 2.41 -17.47
C VAL A 101 3.29 1.53 -17.86
N ASP A 102 3.03 0.27 -18.26
CA ASP A 102 4.10 -0.61 -18.74
C ASP A 102 4.26 -0.61 -20.25
N SER A 103 3.63 0.35 -20.93
CA SER A 103 3.71 0.44 -22.38
C SER A 103 3.85 1.90 -22.91
N ARG A 104 5.07 2.27 -23.31
CA ARG A 104 5.31 3.52 -24.00
C ARG A 104 4.39 3.67 -25.23
N GLN A 105 4.27 2.61 -26.03
CA GLN A 105 3.37 2.58 -27.17
C GLN A 105 1.94 3.04 -26.82
N SER A 106 1.42 2.48 -25.74
CA SER A 106 0.09 2.80 -25.23
C SER A 106 -0.03 4.28 -24.85
N PHE A 107 1.01 4.77 -24.18
CA PHE A 107 1.11 6.14 -23.68
C PHE A 107 1.11 7.06 -24.88
N ASP A 108 1.93 6.74 -25.87
CA ASP A 108 1.95 7.55 -27.10
C ASP A 108 0.61 7.59 -27.84
N SER A 109 -0.04 6.43 -27.95
CA SER A 109 -1.38 6.38 -28.54
C SER A 109 -2.38 7.19 -27.74
N SER A 110 -2.24 7.21 -26.41
CA SER A 110 -3.13 8.03 -25.58
C SER A 110 -3.12 9.50 -26.01
N SER A 111 -1.95 10.05 -26.36
CA SER A 111 -1.84 11.47 -26.77
C SER A 111 -2.65 11.81 -28.03
N SER A 112 -2.78 10.84 -28.94
CA SER A 112 -3.56 11.00 -30.16
C SER A 112 -5.04 11.13 -29.86
N TYR A 113 -5.56 10.32 -28.94
CA TYR A 113 -6.96 10.46 -28.51
C TYR A 113 -7.21 11.81 -27.88
N LEU A 114 -6.27 12.30 -27.08
CA LEU A 114 -6.39 13.63 -26.49
C LEU A 114 -6.37 14.75 -27.56
N GLU A 115 -5.54 14.59 -28.58
CA GLU A 115 -5.52 15.52 -29.72
C GLU A 115 -6.88 15.55 -30.43
N LEU A 116 -7.45 14.36 -30.65
CA LEU A 116 -8.79 14.20 -31.24
C LEU A 116 -9.84 14.96 -30.42
N LEU A 117 -9.83 14.77 -29.09
CA LEU A 117 -10.78 15.48 -28.21
C LEU A 117 -10.65 16.97 -28.33
N ALA A 118 -9.40 17.46 -28.38
CA ALA A 118 -9.10 18.88 -28.55
C ALA A 118 -9.62 19.44 -29.87
N LEU A 119 -9.33 18.72 -30.96
CA LEU A 119 -9.73 19.11 -32.30
C LEU A 119 -11.23 19.17 -32.42
N HIS A 120 -11.90 18.11 -31.94
CA HIS A 120 -13.37 18.09 -31.93
C HIS A 120 -13.95 19.27 -31.16
N ALA A 121 -13.45 19.52 -29.95
CA ALA A 121 -13.89 20.68 -29.17
C ALA A 121 -13.70 22.01 -29.93
N LYS A 122 -12.54 22.15 -30.57
CA LYS A 122 -12.22 23.32 -31.39
C LYS A 122 -13.17 23.46 -32.57
N GLU A 123 -13.48 22.34 -33.22
CA GLU A 123 -14.25 22.36 -34.47
C GLU A 123 -15.75 22.58 -34.22
N THR A 124 -16.25 22.01 -33.12
CA THR A 124 -17.71 22.00 -32.81
C THR A 124 -18.12 22.83 -31.59
N GLN A 125 -17.16 23.40 -30.86
CA GLN A 125 -17.43 24.05 -29.55
C GLN A 125 -17.93 23.10 -28.44
N ARG A 126 -17.89 21.79 -28.66
CA ARG A 126 -18.31 20.84 -27.65
C ARG A 126 -17.21 20.71 -26.57
N SER A 127 -17.47 21.28 -25.40
CA SER A 127 -16.51 21.27 -24.27
C SER A 127 -16.79 20.09 -23.34
N ILE A 128 -15.99 19.03 -23.45
CA ILE A 128 -16.21 17.80 -22.66
C ILE A 128 -14.98 17.46 -21.77
N PRO A 129 -15.16 17.30 -20.45
CA PRO A 129 -13.99 16.96 -19.63
C PRO A 129 -13.37 15.58 -19.94
N ALA A 130 -12.05 15.47 -19.82
CA ALA A 130 -11.39 14.16 -19.98
C ALA A 130 -10.52 13.85 -18.76
N LEU A 131 -10.44 12.58 -18.44
CA LEU A 131 -9.55 12.05 -17.41
C LEU A 131 -8.58 11.13 -18.15
N LEU A 132 -7.29 11.43 -18.02
CA LEU A 132 -6.18 10.58 -18.51
C LEU A 132 -5.89 9.52 -17.46
N LEU A 133 -5.92 8.24 -17.86
CA LEU A 133 -5.67 7.12 -16.91
C LEU A 133 -4.47 6.26 -17.28
N GLY A 134 -3.48 6.19 -16.40
CA GLY A 134 -2.37 5.24 -16.59
C GLY A 134 -2.71 4.00 -15.80
N ASN A 135 -3.13 2.97 -16.52
CA ASN A 135 -3.64 1.74 -15.90
C ASN A 135 -2.50 0.72 -15.73
N LYS A 136 -2.81 -0.37 -15.04
CA LYS A 136 -1.89 -1.49 -14.76
C LYS A 136 -0.83 -1.02 -13.77
N LEU A 137 -1.27 -0.28 -12.75
CA LEU A 137 -0.36 0.26 -11.72
C LEU A 137 0.29 -0.87 -10.92
N ASP A 138 -0.42 -1.99 -10.85
CA ASP A 138 0.11 -3.24 -10.33
C ASP A 138 1.38 -3.76 -11.05
N MET A 139 1.59 -3.35 -12.30
CA MET A 139 2.79 -3.69 -13.03
C MET A 139 3.82 -2.57 -12.94
N ALA A 140 3.75 -1.74 -11.87
CA ALA A 140 4.66 -0.58 -11.69
C ALA A 140 6.15 -0.95 -11.78
N GLN A 141 6.51 -2.15 -11.33
CA GLN A 141 7.90 -2.63 -11.42
C GLN A 141 8.44 -2.68 -12.86
N TYR A 142 7.56 -2.72 -13.85
CA TYR A 142 7.90 -2.71 -15.28
C TYR A 142 7.40 -1.47 -16.00
N ARG A 143 7.14 -0.45 -15.21
CA ARG A 143 6.89 0.91 -15.66
C ARG A 143 7.79 1.30 -16.86
N GLN A 144 7.17 1.65 -18.01
CA GLN A 144 7.85 2.33 -19.13
C GLN A 144 7.53 3.83 -19.12
N VAL A 145 6.61 4.25 -18.24
CA VAL A 145 6.14 5.65 -18.16
C VAL A 145 6.03 6.03 -16.69
N THR A 146 6.58 7.17 -16.31
CA THR A 146 6.48 7.63 -14.93
C THR A 146 5.18 8.32 -14.69
N LYS A 147 4.83 8.43 -13.42
CA LYS A 147 3.69 9.22 -13.03
C LYS A 147 3.95 10.67 -13.46
N ALA A 148 5.19 11.19 -13.30
CA ALA A 148 5.49 12.57 -13.70
C ALA A 148 5.19 12.84 -15.19
N GLU A 149 5.47 11.87 -16.05
CA GLU A 149 5.18 11.98 -17.48
C GLU A 149 3.68 12.00 -17.79
N GLY A 150 2.91 11.24 -17.05
CA GLY A 150 1.43 11.28 -17.17
C GLY A 150 0.87 12.65 -16.82
N VAL A 151 1.37 13.20 -15.73
CA VAL A 151 1.03 14.56 -15.31
C VAL A 151 1.36 15.60 -16.39
N ALA A 152 2.56 15.49 -16.98
CA ALA A 152 3.01 16.36 -18.07
C ALA A 152 2.08 16.26 -19.29
N LEU A 153 1.69 15.03 -19.64
CA LEU A 153 0.82 14.83 -20.81
C LEU A 153 -0.55 15.44 -20.52
N ALA A 154 -1.15 15.09 -19.39
CA ALA A 154 -2.40 15.75 -18.93
C ALA A 154 -2.26 17.30 -18.96
N GLY A 155 -1.08 17.79 -18.60
CA GLY A 155 -0.81 19.22 -18.65
C GLY A 155 -0.88 19.90 -19.99
N ARG A 156 -0.52 19.17 -21.04
CA ARG A 156 -0.60 19.61 -22.44
C ARG A 156 -2.02 19.63 -22.96
N PHE A 157 -2.93 18.90 -22.33
CA PHE A 157 -4.30 18.87 -22.81
C PHE A 157 -5.32 19.44 -21.79
N GLY A 158 -4.83 19.84 -20.62
CA GLY A 158 -5.69 20.35 -19.53
C GLY A 158 -6.73 19.37 -18.98
N CYS A 159 -6.37 18.09 -18.93
CA CYS A 159 -7.24 17.07 -18.42
C CYS A 159 -6.73 16.59 -17.04
N LEU A 160 -7.58 15.88 -16.31
CA LEU A 160 -7.16 15.30 -15.05
C LEU A 160 -6.31 14.05 -15.31
N PHE A 161 -5.64 13.56 -14.26
CA PHE A 161 -4.73 12.43 -14.37
C PHE A 161 -4.80 11.51 -13.15
N PHE A 162 -4.95 10.22 -13.40
CA PHE A 162 -4.92 9.18 -12.34
C PHE A 162 -4.16 7.97 -12.82
N GLU A 163 -3.44 7.34 -11.90
CA GLU A 163 -2.93 5.99 -12.15
C GLU A 163 -3.81 5.00 -11.42
N VAL A 164 -4.17 3.92 -12.11
CA VAL A 164 -5.14 2.97 -11.62
C VAL A 164 -4.68 1.56 -11.99
N SER A 165 -5.36 0.57 -11.42
CA SER A 165 -5.25 -0.85 -11.80
C SER A 165 -6.65 -1.49 -11.83
N ALA A 166 -6.86 -2.38 -12.78
CA ALA A 166 -8.08 -3.21 -12.82
C ALA A 166 -8.06 -4.37 -11.81
N CYS A 167 -6.88 -4.68 -11.27
CA CYS A 167 -6.72 -5.87 -10.40
C CYS A 167 -6.16 -5.55 -9.02
N LEU A 168 -6.35 -4.31 -8.59
CA LEU A 168 -6.15 -3.92 -7.21
C LEU A 168 -7.54 -3.76 -6.59
N ASP A 169 -7.74 -2.77 -5.73
CA ASP A 169 -9.02 -2.64 -5.06
C ASP A 169 -10.04 -1.99 -5.99
N PHE A 170 -11.28 -2.06 -5.56
CA PHE A 170 -12.42 -1.51 -6.30
C PHE A 170 -12.63 -0.02 -6.09
N GLU A 171 -12.38 0.44 -4.86
CA GLU A 171 -12.68 1.82 -4.49
C GLU A 171 -11.94 2.88 -5.34
N HIS A 172 -10.69 2.61 -5.73
CA HIS A 172 -9.94 3.60 -6.50
C HIS A 172 -10.44 3.66 -7.97
N VAL A 173 -10.92 2.53 -8.48
CA VAL A 173 -11.58 2.49 -9.79
C VAL A 173 -12.92 3.21 -9.73
N GLN A 174 -13.73 2.92 -8.71
CA GLN A 174 -14.97 3.68 -8.49
C GLN A 174 -14.72 5.20 -8.45
N HIS A 175 -13.64 5.60 -7.78
CA HIS A 175 -13.38 7.03 -7.62
C HIS A 175 -13.22 7.72 -8.98
N VAL A 176 -12.40 7.17 -9.86
CA VAL A 176 -12.14 7.79 -11.17
CA VAL A 176 -12.15 7.78 -11.18
C VAL A 176 -13.41 7.92 -12.02
N PHE A 177 -14.22 6.86 -12.06
CA PHE A 177 -15.52 6.88 -12.73
C PHE A 177 -16.48 7.93 -12.14
N HIS A 178 -16.54 7.99 -10.81
CA HIS A 178 -17.40 9.00 -10.14
C HIS A 178 -16.84 10.41 -10.34
N GLU A 179 -15.53 10.55 -10.39
CA GLU A 179 -14.91 11.83 -10.72
C GLU A 179 -15.20 12.30 -12.15
N ALA A 180 -15.25 11.39 -13.11
CA ALA A 180 -15.72 11.74 -14.48
C ALA A 180 -17.15 12.24 -14.44
N VAL A 181 -18.00 11.61 -13.62
CA VAL A 181 -19.37 12.10 -13.40
C VAL A 181 -19.36 13.55 -12.86
N ARG A 182 -18.57 13.79 -11.81
CA ARG A 182 -18.42 15.12 -11.22
C ARG A 182 -17.95 16.11 -12.27
N GLU A 183 -16.95 15.71 -13.08
CA GLU A 183 -16.45 16.57 -14.18
C GLU A 183 -17.55 16.87 -15.21
N ALA A 184 -18.35 15.86 -15.55
CA ALA A 184 -19.51 16.03 -16.45
C ALA A 184 -20.61 16.97 -15.87
N ARG A 185 -20.76 17.00 -14.54
CA ARG A 185 -21.78 17.84 -13.88
C ARG A 185 -21.32 19.31 -13.75
N ARG A 186 -20.01 19.48 -13.57
CA ARG A 186 -19.39 20.80 -13.59
C ARG A 186 -19.37 21.36 -14.99
N LEU B 20 6.92 -10.84 -27.44
CA LEU B 20 8.42 -10.88 -27.36
C LEU B 20 8.85 -11.14 -25.93
N GLU B 21 8.25 -10.40 -25.00
CA GLU B 21 8.51 -10.58 -23.56
C GLU B 21 7.65 -11.69 -22.99
N VAL B 22 8.26 -12.61 -22.25
CA VAL B 22 7.54 -13.69 -21.61
C VAL B 22 7.93 -13.76 -20.11
N ASN B 23 6.92 -13.74 -19.28
CA ASN B 23 7.01 -13.80 -17.81
C ASN B 23 6.76 -15.21 -17.28
N LEU B 24 7.77 -15.88 -16.76
CA LEU B 24 7.61 -17.21 -16.12
C LEU B 24 7.75 -17.05 -14.60
N ALA B 25 6.80 -17.56 -13.84
CA ALA B 25 6.93 -17.57 -12.38
C ALA B 25 7.22 -18.98 -11.91
N ILE B 26 8.22 -19.11 -11.04
CA ILE B 26 8.61 -20.41 -10.46
C ILE B 26 8.09 -20.45 -9.01
N LEU B 27 7.25 -21.44 -8.75
CA LEU B 27 6.55 -21.60 -7.48
C LEU B 27 6.94 -22.92 -6.86
N GLY B 28 6.70 -23.04 -5.57
CA GLY B 28 6.93 -24.30 -4.86
C GLY B 28 7.50 -24.05 -3.47
N ARG B 29 7.44 -25.09 -2.65
CA ARG B 29 7.93 -25.02 -1.28
C ARG B 29 9.46 -24.71 -1.24
N ARG B 30 9.84 -23.99 -0.19
CA ARG B 30 11.26 -23.75 0.13
C ARG B 30 11.99 -25.08 0.22
N GLY B 31 13.16 -25.16 -0.38
CA GLY B 31 13.96 -26.39 -0.42
C GLY B 31 13.79 -27.26 -1.66
N ALA B 32 12.76 -26.97 -2.47
CA ALA B 32 12.42 -27.77 -3.68
C ALA B 32 13.47 -27.69 -4.82
N GLY B 33 14.18 -26.57 -4.89
CA GLY B 33 15.23 -26.35 -5.87
C GLY B 33 14.84 -25.33 -6.94
N LYS B 34 13.93 -24.40 -6.60
CA LYS B 34 13.51 -23.33 -7.50
C LYS B 34 14.70 -22.48 -7.96
N SER B 35 15.49 -22.03 -7.00
CA SER B 35 16.69 -21.20 -7.29
C SER B 35 17.77 -22.01 -8.05
N ALA B 36 18.01 -23.24 -7.60
CA ALA B 36 18.98 -24.13 -8.29
C ALA B 36 18.60 -24.30 -9.77
N LEU B 37 17.33 -24.54 -10.04
CA LEU B 37 16.85 -24.66 -11.45
C LEU B 37 17.06 -23.39 -12.29
N THR B 38 16.71 -22.26 -11.69
CA THR B 38 16.79 -20.93 -12.29
C THR B 38 18.24 -20.61 -12.64
N VAL B 39 19.12 -20.81 -11.67
CA VAL B 39 20.55 -20.55 -11.81
C VAL B 39 21.16 -21.52 -12.82
N LYS B 40 20.73 -22.79 -12.79
CA LYS B 40 21.18 -23.78 -13.79
C LYS B 40 20.76 -23.33 -15.22
N PHE B 41 19.53 -22.90 -15.37
CA PHE B 41 19.04 -22.33 -16.63
C PHE B 41 19.78 -21.06 -17.12
N LEU B 42 20.11 -20.16 -16.19
CA LEU B 42 20.74 -18.89 -16.56
C LEU B 42 22.25 -18.99 -16.77
N THR B 43 22.89 -19.91 -16.06
CA THR B 43 24.35 -19.95 -15.97
C THR B 43 24.98 -21.25 -16.48
N LYS B 44 24.15 -22.29 -16.67
CA LYS B 44 24.61 -23.65 -17.00
C LYS B 44 25.33 -24.35 -15.84
N ARG B 45 25.32 -23.74 -14.66
CA ARG B 45 25.96 -24.32 -13.48
C ARG B 45 25.01 -24.62 -12.34
N PHE B 46 25.31 -25.72 -11.66
CA PHE B 46 24.69 -26.08 -10.39
C PHE B 46 25.36 -25.33 -9.23
N ILE B 47 24.56 -24.48 -8.60
CA ILE B 47 24.98 -23.75 -7.40
C ILE B 47 24.06 -24.24 -6.27
N SER B 48 24.67 -24.90 -5.29
CA SER B 48 23.94 -25.67 -4.25
C SER B 48 23.52 -24.86 -3.05
N GLU B 49 24.10 -23.67 -2.95
CA GLU B 49 23.82 -22.75 -1.85
C GLU B 49 23.51 -21.41 -2.47
N TYR B 50 22.22 -21.09 -2.51
CA TYR B 50 21.76 -19.85 -3.04
C TYR B 50 20.74 -19.28 -2.09
N ASP B 51 20.93 -18.01 -1.73
CA ASP B 51 20.19 -17.34 -0.66
C ASP B 51 18.74 -17.83 -0.65
N PRO B 52 18.38 -18.67 0.35
CA PRO B 52 17.02 -19.22 0.47
C PRO B 52 15.91 -18.21 0.58
N ASN B 53 16.21 -16.99 1.03
CA ASN B 53 15.18 -15.95 1.16
C ASN B 53 15.05 -15.00 0.01
N LEU B 54 15.99 -15.07 -0.93
CA LEU B 54 16.05 -14.11 -2.05
C LEU B 54 15.01 -14.42 -3.12
N GLU B 55 14.04 -13.55 -3.25
CA GLU B 55 13.11 -13.60 -4.38
C GLU B 55 13.46 -12.47 -5.31
N ASP B 56 13.60 -12.78 -6.59
CA ASP B 56 13.79 -11.75 -7.61
C ASP B 56 13.42 -12.27 -9.00
N THR B 57 13.36 -11.36 -9.96
CA THR B 57 13.09 -11.68 -11.35
C THR B 57 14.37 -11.48 -12.16
N TYR B 58 14.70 -12.51 -12.94
CA TYR B 58 15.93 -12.60 -13.71
C TYR B 58 15.59 -12.52 -15.17
N SER B 59 16.32 -11.69 -15.88
CA SER B 59 16.04 -11.41 -17.30
C SER B 59 17.08 -12.07 -18.18
N SER B 60 16.61 -12.50 -19.35
CA SER B 60 17.42 -13.31 -20.24
C SER B 60 16.92 -13.15 -21.68
N GLU B 61 17.85 -13.03 -22.61
CA GLU B 61 17.53 -13.02 -24.04
C GLU B 61 17.69 -14.45 -24.57
N GLU B 62 16.58 -15.05 -25.00
CA GLU B 62 16.54 -16.46 -25.38
C GLU B 62 16.02 -16.59 -26.80
N THR B 63 16.18 -17.76 -27.37
CA THR B 63 15.47 -18.13 -28.59
C THR B 63 14.77 -19.44 -28.34
N VAL B 64 13.50 -19.48 -28.68
CA VAL B 64 12.69 -20.69 -28.52
C VAL B 64 11.97 -20.95 -29.84
N ASP B 65 12.16 -22.15 -30.38
CA ASP B 65 11.62 -22.49 -31.70
C ASP B 65 11.98 -21.40 -32.75
N HIS B 66 13.25 -20.96 -32.73
CA HIS B 66 13.82 -20.03 -33.74
C HIS B 66 13.28 -18.60 -33.66
N GLN B 67 12.67 -18.28 -32.54
CA GLN B 67 12.10 -16.97 -32.32
C GLN B 67 12.68 -16.37 -31.04
N PRO B 68 12.95 -15.06 -31.06
CA PRO B 68 13.58 -14.45 -29.90
C PRO B 68 12.58 -14.28 -28.79
N VAL B 69 13.06 -14.39 -27.55
CA VAL B 69 12.25 -14.20 -26.36
C VAL B 69 13.01 -13.27 -25.41
N HIS B 70 12.33 -12.27 -24.85
CA HIS B 70 12.87 -11.55 -23.69
C HIS B 70 12.22 -12.23 -22.50
N LEU B 71 13.01 -13.09 -21.86
CA LEU B 71 12.50 -13.95 -20.81
C LEU B 71 12.73 -13.28 -19.46
N ARG B 72 11.67 -13.29 -18.66
CA ARG B 72 11.72 -12.91 -17.25
C ARG B 72 11.27 -14.08 -16.38
N VAL B 73 12.15 -14.48 -15.47
CA VAL B 73 11.93 -15.59 -14.57
C VAL B 73 11.83 -15.05 -13.13
N MET B 74 10.63 -15.07 -12.59
CA MET B 74 10.44 -14.78 -11.16
C MET B 74 10.63 -16.03 -10.31
N ASP B 75 11.70 -16.02 -9.51
CA ASP B 75 12.08 -17.12 -8.66
C ASP B 75 11.53 -16.71 -7.29
N THR B 76 10.37 -17.25 -6.95
CA THR B 76 9.69 -16.88 -5.69
C THR B 76 10.40 -17.56 -4.51
N ALA B 77 10.21 -17.03 -3.30
CA ALA B 77 10.86 -17.55 -2.09
C ALA B 77 9.92 -17.64 -0.87
N ASP B 78 8.74 -18.21 -1.08
CA ASP B 78 7.73 -18.30 -0.02
C ASP B 78 8.26 -19.09 1.14
N LEU B 79 8.02 -18.59 2.35
CA LEU B 79 8.23 -19.35 3.56
C LEU B 79 6.86 -19.98 3.82
N ASP B 80 6.85 -21.21 4.32
CA ASP B 80 5.61 -21.83 4.77
C ASP B 80 4.53 -21.90 3.67
N THR B 81 3.40 -21.24 3.90
CA THR B 81 2.18 -21.41 3.09
C THR B 81 2.05 -20.31 2.06
N PRO B 82 1.63 -20.66 0.83
CA PRO B 82 1.61 -19.63 -0.23
C PRO B 82 0.89 -18.33 0.19
N ARG B 83 1.61 -17.21 0.14
CA ARG B 83 1.09 -15.88 0.53
C ARG B 83 1.42 -14.82 -0.53
N ASN B 84 0.73 -13.68 -0.46
CA ASN B 84 0.93 -12.54 -1.38
C ASN B 84 0.89 -12.91 -2.88
N CYS B 85 -0.02 -13.82 -3.26
CA CYS B 85 0.02 -14.47 -4.56
C CYS B 85 -0.21 -13.56 -5.77
N GLU B 86 -0.89 -12.43 -5.56
CA GLU B 86 -1.26 -11.53 -6.67
C GLU B 86 -0.05 -10.96 -7.43
N ARG B 87 1.09 -10.89 -6.75
CA ARG B 87 2.38 -10.46 -7.35
C ARG B 87 2.81 -11.29 -8.56
N TYR B 88 2.37 -12.56 -8.63
CA TYR B 88 2.59 -13.34 -9.84
C TYR B 88 1.36 -13.82 -10.60
N LEU B 89 0.22 -13.92 -9.90
CA LEU B 89 -1.02 -14.44 -10.49
C LEU B 89 -1.47 -13.58 -11.67
N ASN B 90 -1.21 -12.28 -11.62
CA ASN B 90 -1.61 -11.34 -12.74
C ASN B 90 -0.42 -10.81 -13.53
N TRP B 91 0.72 -11.44 -13.34
CA TRP B 91 1.95 -11.05 -13.99
C TRP B 91 2.42 -12.12 -15.00
N ALA B 92 2.44 -13.37 -14.55
CA ALA B 92 3.05 -14.47 -15.31
C ALA B 92 2.25 -14.88 -16.56
N HIS B 93 2.97 -15.26 -17.61
CA HIS B 93 2.40 -15.90 -18.81
C HIS B 93 2.45 -17.42 -18.69
N ALA B 94 3.25 -17.92 -17.76
CA ALA B 94 3.20 -19.35 -17.41
C ALA B 94 3.86 -19.57 -16.05
N PHE B 95 3.55 -20.73 -15.49
CA PHE B 95 4.05 -21.19 -14.22
C PHE B 95 4.83 -22.51 -14.31
N LEU B 96 5.94 -22.55 -13.57
CA LEU B 96 6.59 -23.80 -13.22
C LEU B 96 6.33 -23.97 -11.72
N VAL B 97 5.75 -25.12 -11.35
CA VAL B 97 5.52 -25.46 -9.94
C VAL B 97 6.45 -26.63 -9.57
N VAL B 98 7.39 -26.37 -8.66
CA VAL B 98 8.47 -27.30 -8.37
C VAL B 98 8.25 -28.06 -7.03
N TYR B 99 8.45 -29.37 -7.05
CA TYR B 99 8.62 -30.14 -5.82
C TYR B 99 9.89 -30.98 -5.94
N SER B 100 10.30 -31.55 -4.82
CA SER B 100 11.39 -32.54 -4.83
C SER B 100 10.85 -33.98 -4.79
N VAL B 101 11.36 -34.85 -5.67
CA VAL B 101 10.91 -36.24 -5.72
C VAL B 101 11.28 -37.00 -4.43
N ASP B 102 12.29 -36.51 -3.70
CA ASP B 102 12.63 -37.09 -2.38
C ASP B 102 11.86 -36.51 -1.19
N SER B 103 10.89 -35.64 -1.46
CA SER B 103 10.16 -34.97 -0.37
C SER B 103 8.66 -35.03 -0.64
N ARG B 104 7.95 -35.85 0.13
CA ARG B 104 6.49 -35.94 0.08
C ARG B 104 5.90 -34.57 0.47
N GLN B 105 6.50 -33.94 1.48
CA GLN B 105 6.07 -32.60 1.93
C GLN B 105 6.07 -31.55 0.81
N SER B 106 7.17 -31.51 0.06
N SER B 106 7.16 -31.50 0.04
CA SER B 106 7.32 -30.64 -1.09
CA SER B 106 7.26 -30.56 -1.08
C SER B 106 6.21 -30.91 -2.14
C SER B 106 6.21 -30.89 -2.17
N PHE B 107 5.89 -32.19 -2.31
CA PHE B 107 4.87 -32.67 -3.27
C PHE B 107 3.46 -32.23 -2.84
N ASP B 108 3.15 -32.38 -1.56
CA ASP B 108 1.87 -31.86 -1.04
C ASP B 108 1.71 -30.34 -1.22
N SER B 109 2.76 -29.59 -0.91
CA SER B 109 2.82 -28.13 -1.14
C SER B 109 2.57 -27.75 -2.59
N SER B 110 3.17 -28.50 -3.49
CA SER B 110 2.99 -28.23 -4.92
C SER B 110 1.50 -28.27 -5.32
N SER B 111 0.71 -29.18 -4.75
CA SER B 111 -0.74 -29.23 -5.02
C SER B 111 -1.45 -27.95 -4.56
N SER B 112 -1.02 -27.39 -3.43
CA SER B 112 -1.57 -26.13 -2.93
CA SER B 112 -1.57 -26.14 -2.93
C SER B 112 -1.33 -24.97 -3.91
N TYR B 113 -0.17 -24.93 -4.55
CA TYR B 113 0.10 -23.94 -5.63
C TYR B 113 -0.79 -24.16 -6.87
N LEU B 114 -0.93 -25.41 -7.29
CA LEU B 114 -1.84 -25.74 -8.40
C LEU B 114 -3.31 -25.38 -8.09
N GLU B 115 -3.78 -25.62 -6.86
CA GLU B 115 -5.15 -25.19 -6.47
C GLU B 115 -5.31 -23.65 -6.55
N LEU B 116 -4.32 -22.93 -6.03
CA LEU B 116 -4.20 -21.47 -6.09
CA LEU B 116 -4.27 -21.45 -6.11
C LEU B 116 -4.33 -20.93 -7.53
N LEU B 117 -3.47 -21.46 -8.42
CA LEU B 117 -3.54 -21.16 -9.88
C LEU B 117 -4.92 -21.45 -10.44
N ALA B 118 -5.50 -22.59 -10.07
CA ALA B 118 -6.80 -22.99 -10.60
C ALA B 118 -7.90 -22.03 -10.17
N LEU B 119 -7.95 -21.74 -8.88
CA LEU B 119 -8.95 -20.83 -8.33
C LEU B 119 -8.85 -19.49 -9.03
N HIS B 120 -7.64 -18.94 -9.19
CA HIS B 120 -7.46 -17.67 -9.91
C HIS B 120 -7.97 -17.67 -11.36
N ALA B 121 -7.57 -18.65 -12.17
CA ALA B 121 -8.10 -18.86 -13.51
C ALA B 121 -9.63 -18.84 -13.55
N LYS B 122 -10.26 -19.60 -12.65
CA LYS B 122 -11.74 -19.65 -12.59
C LYS B 122 -12.36 -18.26 -12.27
N GLU B 123 -11.74 -17.54 -11.34
CA GLU B 123 -12.29 -16.24 -10.89
C GLU B 123 -12.06 -15.08 -11.88
N THR B 124 -10.94 -15.13 -12.60
CA THR B 124 -10.47 -14.03 -13.46
C THR B 124 -10.49 -14.36 -14.96
N GLN B 125 -10.77 -15.62 -15.29
CA GLN B 125 -10.71 -16.08 -16.70
C GLN B 125 -9.30 -16.05 -17.31
N ARG B 126 -8.27 -15.88 -16.49
CA ARG B 126 -6.89 -15.91 -16.99
C ARG B 126 -6.56 -17.37 -17.34
N SER B 127 -6.16 -17.63 -18.59
CA SER B 127 -5.75 -18.99 -18.98
C SER B 127 -4.23 -19.03 -19.03
N ILE B 128 -3.62 -19.47 -17.93
CA ILE B 128 -2.15 -19.47 -17.80
C ILE B 128 -1.64 -20.91 -17.61
N PRO B 129 -0.84 -21.38 -18.55
CA PRO B 129 -0.33 -22.74 -18.46
C PRO B 129 0.58 -22.95 -17.23
N ALA B 130 0.54 -24.15 -16.66
CA ALA B 130 1.44 -24.54 -15.58
C ALA B 130 2.19 -25.85 -15.95
N LEU B 131 3.46 -25.90 -15.59
CA LEU B 131 4.25 -27.10 -15.72
C LEU B 131 4.62 -27.52 -14.30
N LEU B 132 4.29 -28.76 -13.95
CA LEU B 132 4.66 -29.34 -12.66
C LEU B 132 6.01 -30.03 -12.84
N LEU B 133 6.97 -29.63 -12.01
CA LEU B 133 8.30 -30.18 -12.04
C LEU B 133 8.63 -30.99 -10.77
N GLY B 134 8.95 -32.27 -10.95
CA GLY B 134 9.57 -33.11 -9.89
C GLY B 134 11.11 -33.00 -9.97
N ASN B 135 11.67 -32.09 -9.18
CA ASN B 135 13.10 -31.79 -9.19
C ASN B 135 13.91 -32.87 -8.40
N LYS B 136 15.25 -32.82 -8.54
CA LYS B 136 16.20 -33.70 -7.81
C LYS B 136 16.09 -35.14 -8.29
N LEU B 137 15.93 -35.29 -9.60
CA LEU B 137 15.79 -36.62 -10.23
C LEU B 137 17.06 -37.42 -10.04
N ASP B 138 18.18 -36.71 -9.92
CA ASP B 138 19.50 -37.33 -9.60
C ASP B 138 19.48 -38.08 -8.25
N MET B 139 18.51 -37.75 -7.39
CA MET B 139 18.29 -38.44 -6.12
C MET B 139 17.12 -39.42 -6.24
N ALA B 140 16.91 -39.93 -7.46
CA ALA B 140 15.85 -40.92 -7.73
C ALA B 140 15.95 -42.10 -6.77
N GLN B 141 17.18 -42.47 -6.42
CA GLN B 141 17.42 -43.62 -5.51
C GLN B 141 16.61 -43.47 -4.22
N TYR B 142 16.42 -42.22 -3.78
CA TYR B 142 15.76 -41.91 -2.53
C TYR B 142 14.36 -41.28 -2.73
N ARG B 143 13.69 -41.61 -3.84
CA ARG B 143 12.31 -41.14 -4.08
C ARG B 143 11.37 -41.31 -2.89
N GLN B 144 10.57 -40.29 -2.62
CA GLN B 144 9.35 -40.42 -1.81
C GLN B 144 8.08 -40.36 -2.70
N VAL B 145 8.25 -39.85 -3.93
CA VAL B 145 7.16 -39.70 -4.88
C VAL B 145 7.61 -40.38 -6.17
N THR B 146 6.77 -41.24 -6.75
CA THR B 146 7.02 -41.86 -8.04
C THR B 146 6.66 -40.91 -9.15
N LYS B 147 7.23 -41.17 -10.31
CA LYS B 147 6.84 -40.47 -11.52
C LYS B 147 5.30 -40.54 -11.76
N ALA B 148 4.74 -41.75 -11.63
CA ALA B 148 3.27 -41.96 -11.79
C ALA B 148 2.46 -41.03 -10.92
N GLU B 149 2.87 -40.88 -9.68
CA GLU B 149 2.19 -39.98 -8.76
C GLU B 149 2.26 -38.52 -9.21
N GLY B 150 3.35 -38.12 -9.86
CA GLY B 150 3.47 -36.79 -10.44
C GLY B 150 2.53 -36.58 -11.62
N VAL B 151 2.48 -37.57 -12.52
CA VAL B 151 1.51 -37.62 -13.62
C VAL B 151 0.06 -37.46 -13.09
N ALA B 152 -0.26 -38.21 -12.03
CA ALA B 152 -1.59 -38.20 -11.40
C ALA B 152 -1.94 -36.83 -10.79
N LEU B 153 -0.98 -36.21 -10.12
CA LEU B 153 -1.16 -34.87 -9.58
C LEU B 153 -1.41 -33.89 -10.75
N ALA B 154 -0.59 -33.95 -11.80
CA ALA B 154 -0.78 -33.08 -12.96
C ALA B 154 -2.17 -33.26 -13.59
N GLY B 155 -2.62 -34.50 -13.66
CA GLY B 155 -3.96 -34.89 -14.10
C GLY B 155 -5.09 -34.20 -13.39
N ARG B 156 -4.93 -33.96 -12.09
CA ARG B 156 -5.93 -33.25 -11.28
C ARG B 156 -6.08 -31.79 -11.72
N PHE B 157 -5.04 -31.23 -12.32
CA PHE B 157 -4.97 -29.80 -12.64
C PHE B 157 -4.75 -29.51 -14.13
N GLY B 158 -4.75 -30.56 -14.95
CA GLY B 158 -4.55 -30.44 -16.40
C GLY B 158 -3.24 -29.82 -16.84
N CYS B 159 -2.17 -29.99 -16.06
CA CYS B 159 -0.91 -29.31 -16.40
C CYS B 159 0.07 -30.30 -17.02
N LEU B 160 1.15 -29.81 -17.61
CA LEU B 160 2.24 -30.65 -18.09
C LEU B 160 3.09 -31.09 -16.88
N PHE B 161 3.81 -32.20 -17.04
CA PHE B 161 4.61 -32.80 -15.96
C PHE B 161 5.96 -33.23 -16.52
N PHE B 162 7.04 -32.78 -15.86
CA PHE B 162 8.40 -33.20 -16.12
C PHE B 162 9.14 -33.51 -14.81
N GLU B 163 10.05 -34.47 -14.88
CA GLU B 163 11.01 -34.72 -13.84
C GLU B 163 12.33 -34.16 -14.33
N VAL B 164 12.98 -33.40 -13.45
CA VAL B 164 14.17 -32.66 -13.79
C VAL B 164 15.18 -32.71 -12.66
N SER B 165 16.42 -32.31 -12.95
CA SER B 165 17.46 -32.13 -11.92
C SER B 165 18.29 -30.88 -12.23
N ALA B 166 18.49 -30.05 -11.22
CA ALA B 166 19.41 -28.90 -11.34
C ALA B 166 20.89 -29.35 -11.44
N CYS B 167 21.24 -30.58 -11.06
CA CYS B 167 22.64 -31.06 -11.26
C CYS B 167 22.83 -32.23 -12.25
N LEU B 168 21.98 -32.26 -13.28
CA LEU B 168 22.24 -33.08 -14.45
C LEU B 168 22.42 -32.10 -15.59
N ASP B 169 22.38 -32.57 -16.84
CA ASP B 169 22.72 -31.72 -17.96
C ASP B 169 21.84 -30.45 -18.05
N PHE B 170 22.47 -29.37 -18.50
CA PHE B 170 21.79 -28.12 -18.74
C PHE B 170 20.62 -28.26 -19.71
N GLU B 171 20.78 -29.05 -20.78
CA GLU B 171 19.79 -29.13 -21.86
C GLU B 171 18.35 -29.51 -21.41
N HIS B 172 18.23 -30.36 -20.39
CA HIS B 172 16.91 -30.85 -19.94
CA HIS B 172 16.90 -30.83 -20.00
C HIS B 172 16.21 -29.82 -19.06
N VAL B 173 17.00 -28.99 -18.38
CA VAL B 173 16.45 -27.83 -17.64
C VAL B 173 16.07 -26.79 -18.66
N GLN B 174 16.94 -26.58 -19.65
CA GLN B 174 16.63 -25.62 -20.71
C GLN B 174 15.33 -26.03 -21.40
N HIS B 175 15.17 -27.32 -21.70
CA HIS B 175 13.98 -27.80 -22.37
C HIS B 175 12.68 -27.47 -21.62
N VAL B 176 12.64 -27.66 -20.29
CA VAL B 176 11.38 -27.35 -19.53
C VAL B 176 11.05 -25.82 -19.51
N PHE B 177 12.07 -24.99 -19.34
CA PHE B 177 11.91 -23.53 -19.42
C PHE B 177 11.41 -23.11 -20.80
N HIS B 178 12.00 -23.72 -21.82
CA HIS B 178 11.55 -23.44 -23.20
C HIS B 178 10.11 -23.96 -23.43
N GLU B 179 9.79 -25.13 -22.87
CA GLU B 179 8.43 -25.67 -22.97
C GLU B 179 7.39 -24.72 -22.34
N ALA B 180 7.74 -24.11 -21.21
CA ALA B 180 6.87 -23.14 -20.57
C ALA B 180 6.62 -21.94 -21.51
N VAL B 181 7.69 -21.49 -22.19
CA VAL B 181 7.61 -20.43 -23.21
C VAL B 181 6.69 -20.84 -24.38
N ARG B 182 6.94 -22.02 -24.96
CA ARG B 182 6.03 -22.67 -25.94
C ARG B 182 4.57 -22.59 -25.49
N GLU B 183 4.30 -23.05 -24.26
CA GLU B 183 2.94 -23.05 -23.70
C GLU B 183 2.37 -21.63 -23.55
N ALA B 184 3.24 -20.66 -23.24
CA ALA B 184 2.82 -19.25 -23.17
C ALA B 184 2.34 -18.76 -24.54
N ARG B 185 3.01 -19.24 -25.59
CA ARG B 185 2.79 -18.77 -26.96
C ARG B 185 1.79 -19.62 -27.79
N ARG B 186 1.09 -20.55 -27.15
CA ARG B 186 0.00 -21.32 -27.81
C ARG B 186 -1.35 -20.59 -27.71
N GLY C 18 32.32 -9.91 27.53
CA GLY C 18 31.83 -10.90 26.51
C GLY C 18 30.55 -11.57 26.97
N PRO C 19 30.59 -12.22 28.16
CA PRO C 19 29.40 -12.81 28.80
C PRO C 19 28.29 -11.78 29.16
N LEU C 20 28.65 -10.51 29.32
CA LEU C 20 27.67 -9.44 29.59
C LEU C 20 26.95 -8.91 28.34
N GLU C 21 27.42 -9.31 27.17
CA GLU C 21 26.85 -8.84 25.92
C GLU C 21 25.53 -9.54 25.54
N VAL C 22 24.60 -8.74 25.02
CA VAL C 22 23.29 -9.20 24.56
C VAL C 22 23.02 -8.58 23.22
N ASN C 23 22.79 -9.42 22.23
CA ASN C 23 22.43 -8.98 20.88
C ASN C 23 20.93 -9.14 20.63
N LEU C 24 20.29 -7.98 20.37
CA LEU C 24 18.86 -7.92 20.06
CA LEU C 24 18.87 -7.90 20.08
C LEU C 24 18.64 -7.43 18.64
N ALA C 25 17.88 -8.20 17.88
CA ALA C 25 17.51 -7.81 16.50
C ALA C 25 16.03 -7.43 16.47
N ILE C 26 15.76 -6.25 15.91
CA ILE C 26 14.39 -5.78 15.73
CA ILE C 26 14.40 -5.75 15.72
C ILE C 26 14.00 -5.92 14.27
N LEU C 27 12.96 -6.69 14.02
CA LEU C 27 12.45 -7.00 12.68
C LEU C 27 10.99 -6.59 12.53
N GLY C 28 10.56 -6.44 11.28
CA GLY C 28 9.19 -6.08 10.97
C GLY C 28 9.12 -5.25 9.71
N ARG C 29 7.93 -5.21 9.10
CA ARG C 29 7.68 -4.36 7.94
C ARG C 29 8.08 -2.87 8.14
N ARG C 30 8.57 -2.26 7.08
CA ARG C 30 8.91 -0.87 7.13
C ARG C 30 7.67 -0.08 7.54
N GLY C 31 7.87 0.90 8.41
CA GLY C 31 6.77 1.72 8.91
C GLY C 31 6.13 1.23 10.22
N ALA C 32 6.58 0.09 10.72
CA ALA C 32 5.96 -0.48 11.93
C ALA C 32 6.35 0.31 13.18
N GLY C 33 7.48 1.03 13.12
CA GLY C 33 7.99 1.83 14.25
C GLY C 33 9.18 1.20 14.97
N LYS C 34 9.96 0.38 14.26
CA LYS C 34 11.17 -0.25 14.83
C LYS C 34 12.19 0.80 15.29
N SER C 35 12.43 1.80 14.45
CA SER C 35 13.42 2.83 14.72
C SER C 35 12.92 3.75 15.81
N ALA C 36 11.61 4.06 15.78
CA ALA C 36 10.98 4.91 16.82
C ALA C 36 11.12 4.25 18.16
N LEU C 37 10.90 2.93 18.21
CA LEU C 37 10.99 2.17 19.48
C LEU C 37 12.43 2.10 19.99
N THR C 38 13.37 1.90 19.08
CA THR C 38 14.79 1.89 19.43
C THR C 38 15.24 3.25 20.00
N VAL C 39 14.83 4.33 19.35
CA VAL C 39 15.27 5.64 19.74
C VAL C 39 14.62 6.04 21.08
N LYS C 40 13.36 5.65 21.26
CA LYS C 40 12.64 5.92 22.54
C LYS C 40 13.40 5.22 23.65
N PHE C 41 13.73 3.94 23.45
CA PHE C 41 14.50 3.17 24.42
C PHE C 41 15.86 3.80 24.77
N LEU C 42 16.60 4.24 23.75
CA LEU C 42 17.96 4.75 23.93
C LEU C 42 18.01 6.17 24.44
N THR C 43 17.06 7.00 24.03
CA THR C 43 17.09 8.44 24.28
C THR C 43 15.96 8.96 25.19
N LYS C 44 14.95 8.13 25.46
CA LYS C 44 13.73 8.52 26.19
C LYS C 44 12.85 9.51 25.42
N ARG C 45 13.10 9.67 24.11
CA ARG C 45 12.36 10.61 23.31
C ARG C 45 11.80 9.92 22.09
N PHE C 46 10.63 10.41 21.65
CA PHE C 46 9.98 10.03 20.39
C PHE C 46 10.49 10.89 19.23
N ILE C 47 11.15 10.25 18.28
CA ILE C 47 11.60 10.92 17.06
C ILE C 47 10.77 10.36 15.91
N SER C 48 9.92 11.22 15.35
CA SER C 48 8.85 10.77 14.44
C SER C 48 9.32 10.57 13.01
N GLU C 49 10.43 11.19 12.66
CA GLU C 49 11.01 11.05 11.33
C GLU C 49 12.42 10.55 11.51
N TYR C 50 12.65 9.30 11.11
CA TYR C 50 13.94 8.66 11.28
C TYR C 50 14.23 7.83 10.05
N ASP C 51 15.30 8.19 9.33
CA ASP C 51 15.69 7.55 8.08
C ASP C 51 15.11 6.15 7.90
N PRO C 52 14.03 6.03 7.11
CA PRO C 52 13.42 4.70 6.94
C PRO C 52 14.34 3.59 6.38
N ASN C 53 15.42 3.98 5.72
CA ASN C 53 16.34 3.05 5.07
C ASN C 53 17.54 2.70 5.91
N LEU C 54 17.75 3.41 7.03
CA LEU C 54 18.92 3.18 7.88
C LEU C 54 18.80 1.94 8.77
N GLU C 55 19.74 1.00 8.56
CA GLU C 55 19.92 -0.17 9.41
C GLU C 55 21.29 -0.08 10.05
N ASP C 56 21.32 -0.28 11.36
CA ASP C 56 22.53 -0.24 12.09
C ASP C 56 22.33 -0.86 13.45
N THR C 57 23.45 -1.12 14.12
CA THR C 57 23.49 -1.68 15.45
C THR C 57 23.91 -0.59 16.44
N TYR C 58 23.06 -0.41 17.43
CA TYR C 58 23.21 0.62 18.45
C TYR C 58 23.66 -0.02 19.74
N SER C 59 24.70 0.54 20.35
CA SER C 59 25.32 -0.02 21.58
C SER C 59 25.03 0.84 22.79
N SER C 60 24.65 0.21 23.89
CA SER C 60 24.41 0.94 25.16
C SER C 60 24.66 0.04 26.38
N GLU C 61 24.94 0.66 27.52
CA GLU C 61 25.09 -0.09 28.76
C GLU C 61 23.81 0.08 29.56
N GLU C 62 23.26 -1.04 29.99
CA GLU C 62 21.94 -1.07 30.61
C GLU C 62 22.04 -1.91 31.88
N THR C 63 20.98 -1.84 32.67
CA THR C 63 20.83 -2.65 33.86
C THR C 63 19.48 -3.34 33.76
N VAL C 64 19.51 -4.67 33.83
CA VAL C 64 18.31 -5.49 33.80
C VAL C 64 18.37 -6.42 35.02
N ASP C 65 17.39 -6.32 35.91
CA ASP C 65 17.36 -7.16 37.14
C ASP C 65 18.71 -7.15 37.87
N HIS C 66 19.28 -5.95 38.01
CA HIS C 66 20.49 -5.68 38.82
C HIS C 66 21.79 -6.23 38.23
N GLN C 67 21.76 -6.52 36.93
CA GLN C 67 22.90 -7.10 36.22
C GLN C 67 23.27 -6.15 35.09
N PRO C 68 24.58 -5.91 34.88
CA PRO C 68 24.99 -5.08 33.76
C PRO C 68 24.67 -5.80 32.47
N VAL C 69 24.40 -5.03 31.43
CA VAL C 69 24.16 -5.57 30.10
C VAL C 69 24.88 -4.67 29.11
N HIS C 70 25.73 -5.25 28.29
CA HIS C 70 26.31 -4.52 27.15
C HIS C 70 25.40 -4.82 25.95
N LEU C 71 24.45 -3.92 25.72
CA LEU C 71 23.38 -4.15 24.75
C LEU C 71 23.81 -3.68 23.35
N ARG C 72 23.45 -4.48 22.37
CA ARG C 72 23.60 -4.16 20.95
C ARG C 72 22.22 -4.39 20.32
N VAL C 73 21.60 -3.31 19.85
CA VAL C 73 20.29 -3.41 19.22
C VAL C 73 20.49 -3.15 17.72
N MET C 74 20.20 -4.18 16.94
CA MET C 74 20.22 -4.08 15.48
C MET C 74 18.82 -3.73 14.98
N ASP C 75 18.69 -2.50 14.49
CA ASP C 75 17.43 -1.98 14.04
C ASP C 75 17.50 -2.18 12.53
N THR C 76 16.67 -3.08 12.03
CA THR C 76 16.84 -3.53 10.66
C THR C 76 16.02 -2.68 9.69
N ALA C 77 16.42 -2.74 8.44
CA ALA C 77 15.70 -2.11 7.35
C ALA C 77 15.81 -3.07 6.15
N ASP C 78 15.01 -4.14 6.20
CA ASP C 78 14.94 -5.13 5.12
C ASP C 78 14.39 -4.50 3.83
N LEU C 79 14.70 -5.08 2.66
CA LEU C 79 14.03 -4.71 1.40
C LEU C 79 12.62 -5.29 1.40
N PRO C 82 12.63 -9.58 2.35
CA PRO C 82 13.92 -9.74 3.00
C PRO C 82 14.87 -10.67 2.26
N ARG C 83 16.17 -10.38 2.38
CA ARG C 83 17.25 -11.28 1.92
C ARG C 83 18.48 -11.01 2.78
N ASN C 84 19.56 -11.74 2.54
CA ASN C 84 20.74 -11.70 3.44
C ASN C 84 20.35 -11.73 4.93
N CYS C 85 19.32 -12.52 5.25
CA CYS C 85 18.73 -12.62 6.61
C CYS C 85 19.65 -13.10 7.68
N GLU C 86 20.67 -13.86 7.28
CA GLU C 86 21.64 -14.43 8.20
C GLU C 86 22.42 -13.37 9.00
N ARG C 87 22.49 -12.15 8.46
CA ARG C 87 23.14 -11.02 9.11
C ARG C 87 22.54 -10.81 10.51
N TYR C 88 21.22 -11.06 10.66
CA TYR C 88 20.59 -11.04 11.99
C TYR C 88 20.34 -12.42 12.54
N LEU C 89 19.90 -13.35 11.69
CA LEU C 89 19.55 -14.70 12.15
C LEU C 89 20.71 -15.37 12.92
N ASN C 90 21.92 -15.25 12.38
CA ASN C 90 23.11 -15.87 12.99
C ASN C 90 23.85 -15.01 14.06
N TRP C 91 23.28 -13.87 14.42
CA TRP C 91 23.92 -12.89 15.32
C TRP C 91 23.10 -12.62 16.62
N ALA C 92 21.77 -12.55 16.49
CA ALA C 92 20.90 -12.17 17.61
C ALA C 92 20.80 -13.27 18.67
N HIS C 93 20.71 -12.83 19.92
CA HIS C 93 20.39 -13.69 21.04
C HIS C 93 18.90 -13.67 21.32
N ALA C 94 18.21 -12.65 20.81
CA ALA C 94 16.76 -12.57 20.90
C ALA C 94 16.27 -11.60 19.83
N PHE C 95 15.02 -11.75 19.44
CA PHE C 95 14.39 -10.94 18.41
C PHE C 95 13.16 -10.22 18.96
N LEU C 96 12.97 -8.96 18.57
CA LEU C 96 11.69 -8.29 18.74
C LEU C 96 11.12 -8.22 17.34
N VAL C 97 9.90 -8.73 17.14
CA VAL C 97 9.26 -8.67 15.81
C VAL C 97 8.10 -7.69 15.96
N VAL C 98 8.10 -6.65 15.13
CA VAL C 98 7.21 -5.51 15.33
C VAL C 98 6.16 -5.34 14.24
N TYR C 99 4.90 -5.14 14.64
CA TYR C 99 3.88 -4.62 13.70
C TYR C 99 3.18 -3.44 14.32
N SER C 100 2.37 -2.75 13.54
CA SER C 100 1.57 -1.68 14.10
C SER C 100 0.11 -2.15 14.17
N VAL C 101 -0.53 -1.86 15.30
CA VAL C 101 -1.90 -2.31 15.57
C VAL C 101 -2.93 -1.69 14.62
N ASP C 102 -2.56 -0.60 13.96
CA ASP C 102 -3.47 0.07 13.00
C ASP C 102 -3.23 -0.38 11.55
N SER C 103 -2.41 -1.42 11.37
CA SER C 103 -2.07 -1.98 10.04
C SER C 103 -2.13 -3.52 9.97
N ARG C 104 -3.20 -4.03 9.37
CA ARG C 104 -3.33 -5.46 9.08
C ARG C 104 -2.18 -5.96 8.23
N GLN C 105 -1.73 -5.16 7.25
CA GLN C 105 -0.58 -5.52 6.42
C GLN C 105 0.69 -5.71 7.24
N SER C 106 0.93 -4.77 8.16
CA SER C 106 2.07 -4.85 9.09
C SER C 106 2.02 -6.16 9.91
N PHE C 107 0.80 -6.49 10.36
CA PHE C 107 0.53 -7.73 11.15
C PHE C 107 0.84 -8.98 10.30
N ASP C 108 0.34 -9.02 9.06
CA ASP C 108 0.64 -10.14 8.16
C ASP C 108 2.14 -10.33 7.89
N SER C 109 2.87 -9.22 7.72
CA SER C 109 4.31 -9.26 7.54
C SER C 109 5.04 -9.75 8.79
N SER C 110 4.47 -9.48 9.96
CA SER C 110 5.04 -9.97 11.24
C SER C 110 4.99 -11.49 11.30
N SER C 111 3.90 -12.09 10.80
CA SER C 111 3.82 -13.55 10.82
C SER C 111 4.85 -14.21 9.88
N SER C 112 5.20 -13.54 8.79
CA SER C 112 6.23 -14.07 7.90
CA SER C 112 6.24 -14.03 7.90
C SER C 112 7.61 -14.04 8.58
N TYR C 113 7.88 -13.01 9.39
CA TYR C 113 9.15 -12.97 10.13
C TYR C 113 9.24 -14.07 11.19
N LEU C 114 8.11 -14.33 11.86
CA LEU C 114 8.04 -15.42 12.85
C LEU C 114 8.22 -16.78 12.19
N GLU C 115 7.73 -16.93 10.96
CA GLU C 115 7.93 -18.16 10.17
C GLU C 115 9.42 -18.35 9.86
N LEU C 116 10.04 -17.28 9.39
CA LEU C 116 11.47 -17.22 9.14
C LEU C 116 12.25 -17.67 10.40
N LEU C 117 11.92 -17.10 11.54
CA LEU C 117 12.58 -17.44 12.81
C LEU C 117 12.42 -18.93 13.15
N ALA C 118 11.22 -19.45 12.89
CA ALA C 118 10.86 -20.86 13.13
C ALA C 118 11.71 -21.78 12.29
N LEU C 119 11.77 -21.48 11.00
CA LEU C 119 12.62 -22.23 10.05
C LEU C 119 14.05 -22.28 10.56
N HIS C 120 14.59 -21.11 10.94
CA HIS C 120 15.97 -21.04 11.42
C HIS C 120 16.16 -21.88 12.67
N ALA C 121 15.21 -21.79 13.59
CA ALA C 121 15.25 -22.58 14.82
C ALA C 121 15.29 -24.07 14.51
N LYS C 122 14.43 -24.52 13.59
CA LYS C 122 14.40 -25.93 13.14
C LYS C 122 15.69 -26.31 12.43
N GLU C 123 16.15 -25.45 11.53
CA GLU C 123 17.32 -25.76 10.70
C GLU C 123 18.61 -25.82 11.53
N THR C 124 18.74 -24.92 12.51
CA THR C 124 19.92 -24.87 13.39
C THR C 124 19.75 -25.62 14.72
N GLN C 125 18.52 -26.04 15.03
CA GLN C 125 18.14 -26.45 16.38
C GLN C 125 18.28 -25.25 17.34
N PRO C 129 14.64 -17.12 20.89
CA PRO C 129 13.71 -16.35 21.75
C PRO C 129 13.21 -15.11 21.02
N ALA C 130 11.89 -14.96 20.93
CA ALA C 130 11.25 -13.85 20.24
C ALA C 130 10.13 -13.22 21.07
N LEU C 131 9.95 -11.92 20.86
CA LEU C 131 8.87 -11.11 21.43
C LEU C 131 8.14 -10.45 20.25
N LEU C 132 6.84 -10.68 20.16
CA LEU C 132 5.98 -10.03 19.18
C LEU C 132 5.51 -8.72 19.79
N LEU C 133 5.69 -7.61 19.07
CA LEU C 133 5.28 -6.28 19.54
C LEU C 133 4.22 -5.66 18.64
N GLY C 134 3.05 -5.39 19.21
CA GLY C 134 2.01 -4.62 18.54
C GLY C 134 2.18 -3.17 18.92
N ASN C 135 2.84 -2.40 18.04
CA ASN C 135 3.22 -1.00 18.28
C ASN C 135 2.11 -0.04 17.84
N LYS C 136 2.31 1.24 18.16
CA LYS C 136 1.36 2.34 17.87
C LYS C 136 0.07 2.11 18.68
N LEU C 137 0.23 1.65 19.93
CA LEU C 137 -0.90 1.49 20.85
C LEU C 137 -1.65 2.81 21.03
N ASP C 138 -0.95 3.94 20.99
CA ASP C 138 -1.60 5.27 21.00
C ASP C 138 -2.66 5.43 19.88
N MET C 139 -2.59 4.61 18.83
CA MET C 139 -3.57 4.63 17.72
C MET C 139 -4.66 3.53 17.88
N ALA C 140 -4.93 3.11 19.11
CA ALA C 140 -5.89 2.03 19.41
C ALA C 140 -7.30 2.29 18.89
N GLN C 141 -7.67 3.57 18.77
CA GLN C 141 -8.98 3.94 18.18
C GLN C 141 -9.11 3.53 16.72
N TYR C 142 -7.98 3.42 16.03
CA TYR C 142 -7.94 3.01 14.64
C TYR C 142 -7.36 1.60 14.43
N ARG C 143 -7.38 0.78 15.49
CA ARG C 143 -6.91 -0.61 15.40
C ARG C 143 -7.41 -1.34 14.17
N GLN C 144 -6.52 -2.06 13.50
CA GLN C 144 -6.93 -3.09 12.53
C GLN C 144 -6.72 -4.48 13.13
N VAL C 145 -6.05 -4.51 14.28
CA VAL C 145 -5.73 -5.77 14.94
C VAL C 145 -5.99 -5.65 16.43
N THR C 146 -6.66 -6.66 16.99
CA THR C 146 -6.98 -6.68 18.41
C THR C 146 -5.82 -7.24 19.19
N LYS C 147 -5.84 -6.98 20.48
CA LYS C 147 -4.86 -7.58 21.37
C LYS C 147 -5.01 -9.10 21.32
N ALA C 148 -6.24 -9.59 21.22
CA ALA C 148 -6.49 -11.04 21.24
C ALA C 148 -5.84 -11.71 20.03
N GLU C 149 -5.90 -11.06 18.87
CA GLU C 149 -5.24 -11.57 17.66
C GLU C 149 -3.71 -11.63 17.74
N GLY C 150 -3.13 -10.64 18.43
CA GLY C 150 -1.72 -10.63 18.74
C GLY C 150 -1.33 -11.77 19.63
N VAL C 151 -2.17 -12.06 20.64
CA VAL C 151 -1.95 -13.22 21.50
C VAL C 151 -2.03 -14.53 20.72
N ALA C 152 -3.01 -14.64 19.83
CA ALA C 152 -3.19 -15.83 18.96
C ALA C 152 -2.01 -16.02 18.00
N LEU C 153 -1.53 -14.93 17.38
CA LEU C 153 -0.33 -15.01 16.51
C LEU C 153 0.86 -15.49 17.35
N ALA C 154 1.10 -14.86 18.49
CA ALA C 154 2.20 -15.28 19.37
C ALA C 154 2.07 -16.75 19.77
N GLY C 155 0.86 -17.18 20.06
CA GLY C 155 0.58 -18.59 20.33
C GLY C 155 0.95 -19.57 19.24
N ARG C 156 0.82 -19.19 17.96
CA ARG C 156 1.23 -20.05 16.85
C ARG C 156 2.74 -20.26 16.80
N PHE C 157 3.51 -19.32 17.37
CA PHE C 157 4.98 -19.37 17.32
C PHE C 157 5.70 -19.51 18.64
N GLY C 158 4.97 -19.49 19.74
CA GLY C 158 5.56 -19.71 21.07
C GLY C 158 6.38 -18.53 21.57
N CYS C 159 6.08 -17.33 21.09
CA CYS C 159 6.80 -16.13 21.53
C CYS C 159 5.99 -15.29 22.56
N LEU C 160 6.66 -14.35 23.20
CA LEU C 160 5.97 -13.43 24.10
C LEU C 160 5.23 -12.42 23.27
N PHE C 161 4.23 -11.79 23.87
CA PHE C 161 3.43 -10.74 23.21
C PHE C 161 3.17 -9.51 24.09
N PHE C 162 3.44 -8.34 23.52
CA PHE C 162 3.23 -7.05 24.16
C PHE C 162 2.65 -6.06 23.16
N GLU C 163 1.77 -5.18 23.65
CA GLU C 163 1.39 -3.97 22.92
C GLU C 163 2.12 -2.77 23.49
N VAL C 164 2.58 -1.89 22.61
CA VAL C 164 3.51 -0.83 22.96
C VAL C 164 3.26 0.41 22.08
N SER C 165 3.92 1.50 22.45
CA SER C 165 3.92 2.76 21.67
C SER C 165 5.25 3.48 21.92
N ALA C 166 5.82 4.03 20.84
CA ALA C 166 7.06 4.81 20.91
C ALA C 166 6.81 6.25 21.44
N CYS C 167 5.54 6.66 21.48
CA CYS C 167 5.16 8.01 21.85
C CYS C 167 4.21 8.08 23.04
N LEU C 168 4.31 7.09 23.95
CA LEU C 168 3.70 7.18 25.28
C LEU C 168 4.83 7.17 26.37
N ASP C 169 4.64 6.47 27.48
CA ASP C 169 5.66 6.46 28.56
C ASP C 169 6.93 5.72 28.13
N PHE C 170 8.05 6.11 28.71
CA PHE C 170 9.32 5.47 28.43
C PHE C 170 9.37 4.09 29.12
N GLU C 171 8.72 3.97 30.28
CA GLU C 171 8.89 2.78 31.11
C GLU C 171 8.34 1.48 30.47
N HIS C 172 7.21 1.53 29.77
CA HIS C 172 6.68 0.31 29.13
C HIS C 172 7.58 -0.22 27.98
N VAL C 173 8.26 0.70 27.32
CA VAL C 173 9.19 0.39 26.25
C VAL C 173 10.50 -0.21 26.80
N GLN C 174 11.04 0.42 27.83
CA GLN C 174 12.15 -0.13 28.62
C GLN C 174 11.85 -1.55 29.11
N HIS C 175 10.61 -1.76 29.56
CA HIS C 175 10.23 -3.08 30.00
C HIS C 175 10.37 -4.17 28.91
N VAL C 176 9.86 -3.90 27.71
CA VAL C 176 9.94 -4.90 26.62
C VAL C 176 11.38 -5.18 26.20
N PHE C 177 12.21 -4.14 26.22
CA PHE C 177 13.64 -4.28 25.87
C PHE C 177 14.37 -5.10 26.95
N HIS C 178 14.15 -4.75 28.20
CA HIS C 178 14.62 -5.52 29.37
C HIS C 178 14.07 -6.96 29.34
N GLU C 179 12.80 -7.14 28.98
CA GLU C 179 12.23 -8.49 28.89
C GLU C 179 12.90 -9.30 27.76
N ALA C 180 13.34 -8.62 26.69
CA ALA C 180 14.11 -9.29 25.60
C ALA C 180 15.46 -9.79 26.14
N VAL C 181 16.16 -8.93 26.88
CA VAL C 181 17.40 -9.31 27.58
C VAL C 181 17.17 -10.50 28.55
N ARG C 182 16.06 -10.47 29.30
CA ARG C 182 15.74 -11.58 30.20
C ARG C 182 15.64 -12.89 29.41
N GLU C 183 14.85 -12.84 28.33
CA GLU C 183 14.67 -13.96 27.41
C GLU C 183 16.00 -14.46 26.84
N ALA C 184 16.83 -13.55 26.33
CA ALA C 184 18.16 -13.92 25.85
C ALA C 184 18.94 -14.65 26.94
N ARG C 185 18.82 -14.21 28.19
CA ARG C 185 19.65 -14.73 29.26
C ARG C 185 19.11 -15.99 29.94
N ARG C 186 17.89 -16.38 29.59
CA ARG C 186 17.30 -17.63 30.09
C ARG C 186 17.97 -18.85 29.44
N LEU D 20 -4.21 8.52 2.17
CA LEU D 20 -5.65 8.48 1.82
C LEU D 20 -6.56 8.89 2.97
N GLU D 21 -6.38 8.24 4.12
CA GLU D 21 -6.96 8.73 5.37
C GLU D 21 -6.16 9.93 5.84
N VAL D 22 -6.86 11.03 6.12
CA VAL D 22 -6.22 12.26 6.65
C VAL D 22 -6.82 12.58 8.03
N ASN D 23 -5.94 12.77 9.02
CA ASN D 23 -6.29 13.13 10.38
C ASN D 23 -6.13 14.66 10.61
N LEU D 24 -7.25 15.35 10.80
CA LEU D 24 -7.23 16.78 11.14
CA LEU D 24 -7.27 16.78 11.12
C LEU D 24 -7.65 16.95 12.60
N ALA D 25 -6.87 17.69 13.37
CA ALA D 25 -7.30 18.05 14.73
C ALA D 25 -7.68 19.52 14.81
N ILE D 26 -8.82 19.82 15.45
CA ILE D 26 -9.28 21.19 15.63
C ILE D 26 -9.13 21.61 17.08
N LEU D 27 -8.34 22.67 17.29
CA LEU D 27 -7.92 23.16 18.60
C LEU D 27 -8.39 24.59 18.83
N GLY D 28 -8.23 25.05 20.06
CA GLY D 28 -8.65 26.37 20.41
C GLY D 28 -9.49 26.41 21.66
N ARG D 29 -9.68 27.62 22.14
CA ARG D 29 -10.39 27.86 23.38
C ARG D 29 -11.86 27.43 23.24
N ARG D 30 -12.40 26.84 24.30
CA ARG D 30 -13.84 26.63 24.41
C ARG D 30 -14.60 27.93 24.03
N GLY D 31 -15.60 27.77 23.16
CA GLY D 31 -16.42 28.85 22.71
C GLY D 31 -15.99 29.51 21.40
N ALA D 32 -14.84 29.12 20.88
CA ALA D 32 -14.31 29.74 19.64
C ALA D 32 -15.10 29.34 18.39
N GLY D 33 -15.71 28.16 18.43
CA GLY D 33 -16.54 27.66 17.35
C GLY D 33 -15.92 26.47 16.64
N LYS D 34 -15.12 25.68 17.39
CA LYS D 34 -14.54 24.44 16.87
C LYS D 34 -15.63 23.47 16.39
N SER D 35 -16.63 23.24 17.23
CA SER D 35 -17.70 22.32 16.84
C SER D 35 -18.59 22.85 15.74
N ALA D 36 -18.92 24.15 15.80
CA ALA D 36 -19.75 24.79 14.78
C ALA D 36 -19.12 24.65 13.37
N LEU D 37 -17.81 24.82 13.29
CA LEU D 37 -17.09 24.76 12.01
C LEU D 37 -16.99 23.30 11.53
N THR D 38 -16.77 22.37 12.46
CA THR D 38 -16.76 20.94 12.11
C THR D 38 -18.16 20.50 11.62
N VAL D 39 -19.20 20.89 12.33
CA VAL D 39 -20.59 20.51 12.04
C VAL D 39 -21.10 21.22 10.75
N LYS D 40 -20.60 22.44 10.51
CA LYS D 40 -20.84 23.14 9.24
C LYS D 40 -20.15 22.40 8.08
N PHE D 41 -18.89 21.99 8.29
CA PHE D 41 -18.16 21.21 7.27
C PHE D 41 -18.88 19.87 7.03
N LEU D 42 -19.22 19.16 8.10
CA LEU D 42 -19.90 17.86 7.99
C LEU D 42 -21.34 17.91 7.43
N THR D 43 -22.19 18.81 7.94
CA THR D 43 -23.62 18.76 7.66
C THR D 43 -24.15 19.86 6.71
N LYS D 44 -23.28 20.81 6.33
CA LYS D 44 -23.65 22.04 5.61
C LYS D 44 -24.55 22.99 6.41
N ARG D 45 -24.76 22.69 7.70
CA ARG D 45 -25.67 23.46 8.55
C ARG D 45 -24.95 23.94 9.79
N PHE D 46 -25.34 25.12 10.22
CA PHE D 46 -24.91 25.69 11.48
C PHE D 46 -25.77 25.08 12.59
N ILE D 47 -25.13 24.35 13.50
CA ILE D 47 -25.76 23.93 14.76
C ILE D 47 -25.24 24.85 15.84
N SER D 48 -26.13 25.66 16.40
CA SER D 48 -25.71 26.73 17.30
C SER D 48 -25.38 26.26 18.74
N GLU D 49 -26.02 25.19 19.20
CA GLU D 49 -25.96 24.86 20.63
C GLU D 49 -25.04 23.67 20.97
N TYR D 50 -24.02 23.41 20.14
CA TYR D 50 -23.42 22.06 20.13
C TYR D 50 -22.72 21.73 21.43
N ASP D 51 -23.11 20.59 22.02
CA ASP D 51 -22.57 20.11 23.29
C ASP D 51 -21.13 20.63 23.50
N PRO D 52 -20.94 21.57 24.47
CA PRO D 52 -19.63 22.22 24.64
C PRO D 52 -18.53 21.29 25.17
N ASN D 53 -18.95 20.17 25.75
CA ASN D 53 -18.07 19.26 26.41
C ASN D 53 -17.75 18.04 25.60
N LEU D 54 -18.40 17.87 24.45
CA LEU D 54 -18.21 16.66 23.66
C LEU D 54 -17.00 16.81 22.73
N GLU D 55 -16.03 15.92 22.94
CA GLU D 55 -14.92 15.74 22.02
C GLU D 55 -15.01 14.39 21.35
N ASP D 56 -15.01 14.41 20.02
CA ASP D 56 -15.02 13.17 19.27
C ASP D 56 -14.29 13.40 17.96
N THR D 57 -14.03 12.28 17.28
CA THR D 57 -13.53 12.26 15.93
C THR D 57 -14.68 11.90 14.95
N TYR D 58 -14.79 12.73 13.91
CA TYR D 58 -15.89 12.68 12.93
C TYR D 58 -15.31 12.24 11.60
N SER D 59 -16.06 11.40 10.90
CA SER D 59 -15.57 10.75 9.70
C SER D 59 -16.44 11.13 8.51
N SER D 60 -15.75 11.37 7.39
CA SER D 60 -16.39 11.74 6.13
C SER D 60 -15.52 11.30 4.95
N GLU D 61 -16.18 10.98 3.85
CA GLU D 61 -15.47 10.67 2.61
C GLU D 61 -15.49 11.93 1.78
N GLU D 62 -14.30 12.43 1.47
CA GLU D 62 -14.14 13.69 0.77
C GLU D 62 -13.37 13.50 -0.53
N THR D 63 -13.48 14.49 -1.39
CA THR D 63 -12.60 14.60 -2.55
C THR D 63 -11.94 15.97 -2.42
N VAL D 64 -10.60 16.01 -2.46
CA VAL D 64 -9.86 17.29 -2.47
C VAL D 64 -8.91 17.28 -3.66
N ASP D 65 -9.08 18.25 -4.54
CA ASP D 65 -8.30 18.33 -5.78
C ASP D 65 -8.41 17.02 -6.58
N HIS D 66 -9.65 16.53 -6.69
CA HIS D 66 -10.01 15.38 -7.52
C HIS D 66 -9.51 14.03 -7.00
N GLN D 67 -8.94 14.03 -5.80
CA GLN D 67 -8.45 12.81 -5.18
C GLN D 67 -9.28 12.51 -3.92
N PRO D 68 -9.56 11.23 -3.68
CA PRO D 68 -10.43 10.85 -2.57
C PRO D 68 -9.71 11.04 -1.22
N VAL D 69 -10.48 11.27 -0.16
CA VAL D 69 -9.92 11.39 1.18
C VAL D 69 -10.93 10.81 2.17
N HIS D 70 -10.47 9.85 2.97
CA HIS D 70 -11.21 9.40 4.14
C HIS D 70 -10.81 10.39 5.25
N LEU D 71 -11.63 11.41 5.48
CA LEU D 71 -11.29 12.47 6.44
C LEU D 71 -11.71 12.12 7.88
N ARG D 72 -10.79 12.34 8.83
CA ARG D 72 -11.06 12.19 10.27
C ARG D 72 -10.77 13.51 10.97
N VAL D 73 -11.82 14.14 11.50
CA VAL D 73 -11.70 15.43 12.17
C VAL D 73 -11.90 15.20 13.67
N MET D 74 -10.84 15.43 14.45
CA MET D 74 -10.93 15.45 15.91
C MET D 74 -11.29 16.85 16.42
N ASP D 75 -12.54 16.99 16.83
CA ASP D 75 -13.07 18.19 17.41
C ASP D 75 -12.78 18.17 18.92
N THR D 76 -11.69 18.81 19.35
CA THR D 76 -11.28 18.73 20.76
C THR D 76 -12.15 19.65 21.63
N ALA D 77 -12.17 19.41 22.94
CA ALA D 77 -13.05 20.21 23.83
C ALA D 77 -12.35 20.59 25.16
N ASP D 78 -11.14 21.13 25.04
CA ASP D 78 -10.34 21.58 26.20
C ASP D 78 -11.08 22.66 27.03
N LEU D 79 -10.84 22.68 28.35
CA LEU D 79 -11.50 23.62 29.28
C LEU D 79 -10.61 24.81 29.70
N ARG D 83 -4.41 20.30 28.60
CA ARG D 83 -3.97 19.01 29.15
C ARG D 83 -4.08 17.86 28.12
N ASN D 84 -3.35 16.77 28.39
CA ASN D 84 -3.36 15.56 27.55
C ASN D 84 -3.16 15.82 26.04
N CYS D 85 -2.23 16.70 25.70
CA CYS D 85 -2.04 17.13 24.30
C CYS D 85 -1.58 16.03 23.36
N GLU D 86 -0.87 15.05 23.89
CA GLU D 86 -0.36 13.93 23.09
C GLU D 86 -1.46 13.21 22.28
N ARG D 87 -2.71 13.27 22.74
CA ARG D 87 -3.81 12.57 22.03
C ARG D 87 -4.02 13.11 20.60
N TYR D 88 -3.59 14.35 20.34
CA TYR D 88 -3.63 14.92 18.99
C TYR D 88 -2.23 15.22 18.40
N LEU D 89 -1.26 15.54 19.25
CA LEU D 89 0.07 15.94 18.79
C LEU D 89 0.77 14.83 17.96
N ASN D 90 0.50 13.57 18.29
CA ASN D 90 1.10 12.43 17.55
C ASN D 90 0.15 11.70 16.60
N TRP D 91 -1.09 12.19 16.53
CA TRP D 91 -2.15 11.65 15.68
C TRP D 91 -2.36 12.43 14.37
N ALA D 92 -2.39 13.76 14.48
CA ALA D 92 -2.86 14.60 13.38
C ALA D 92 -1.83 14.76 12.26
N HIS D 93 -2.34 14.79 11.03
CA HIS D 93 -1.59 15.17 9.83
C HIS D 93 -1.59 16.70 9.56
N ALA D 94 -2.62 17.40 10.07
CA ALA D 94 -2.72 18.84 10.01
C ALA D 94 -3.59 19.34 11.17
N PHE D 95 -3.36 20.57 11.57
CA PHE D 95 -4.13 21.23 12.65
C PHE D 95 -4.87 22.45 12.15
N LEU D 96 -6.11 22.65 12.63
CA LEU D 96 -6.79 23.93 12.54
C LEU D 96 -6.85 24.50 13.97
N VAL D 97 -6.32 25.70 14.16
CA VAL D 97 -6.36 26.39 15.46
C VAL D 97 -7.34 27.56 15.33
N VAL D 98 -8.41 27.51 16.11
CA VAL D 98 -9.52 28.45 16.01
C VAL D 98 -9.56 29.45 17.19
N TYR D 99 -9.69 30.73 16.86
CA TYR D 99 -10.15 31.74 17.80
C TYR D 99 -11.37 32.41 17.20
N SER D 100 -12.06 33.19 18.01
CA SER D 100 -13.15 34.03 17.49
C SER D 100 -12.71 35.49 17.48
N VAL D 101 -12.96 36.15 16.35
CA VAL D 101 -12.52 37.53 16.11
C VAL D 101 -13.16 38.50 17.13
N ASP D 102 -14.24 38.07 17.77
CA ASP D 102 -14.88 38.91 18.82
C ASP D 102 -14.41 38.59 20.25
N SER D 103 -13.33 37.81 20.39
CA SER D 103 -12.85 37.40 21.71
C SER D 103 -11.33 37.43 21.87
N ARG D 104 -10.88 38.46 22.57
CA ARG D 104 -9.46 38.61 22.90
C ARG D 104 -8.92 37.37 23.64
N GLN D 105 -9.76 36.77 24.49
CA GLN D 105 -9.33 35.59 25.24
C GLN D 105 -9.05 34.38 24.37
N SER D 106 -9.93 34.13 23.39
CA SER D 106 -9.74 33.02 22.48
C SER D 106 -8.49 33.28 21.62
N PHE D 107 -8.22 34.53 21.30
CA PHE D 107 -7.08 34.89 20.44
C PHE D 107 -5.79 34.63 21.21
N ASP D 108 -5.71 35.12 22.45
CA ASP D 108 -4.58 34.80 23.33
C ASP D 108 -4.34 33.27 23.50
N SER D 109 -5.44 32.51 23.62
CA SER D 109 -5.35 31.04 23.75
C SER D 109 -4.86 30.38 22.47
N SER D 110 -5.21 30.97 21.33
CA SER D 110 -4.79 30.45 20.04
C SER D 110 -3.26 30.41 19.97
N SER D 111 -2.60 31.45 20.46
CA SER D 111 -1.14 31.47 20.43
C SER D 111 -0.53 30.38 21.27
N SER D 112 -1.15 30.02 22.39
N SER D 112 -1.16 30.06 22.40
CA SER D 112 -0.58 28.97 23.24
CA SER D 112 -0.72 28.97 23.28
C SER D 112 -0.76 27.56 22.63
C SER D 112 -0.70 27.64 22.52
N TYR D 113 -1.78 27.39 21.77
CA TYR D 113 -1.91 26.17 21.00
C TYR D 113 -0.83 26.12 19.92
N LEU D 114 -0.65 27.24 19.21
CA LEU D 114 0.40 27.38 18.20
C LEU D 114 1.81 27.17 18.80
N GLU D 115 2.02 27.66 20.04
CA GLU D 115 3.28 27.40 20.82
C GLU D 115 3.51 25.90 21.15
N LEU D 116 2.45 25.25 21.64
CA LEU D 116 2.46 23.81 21.89
C LEU D 116 2.84 23.00 20.64
N LEU D 117 2.22 23.33 19.52
CA LEU D 117 2.53 22.67 18.24
C LEU D 117 4.00 22.93 17.82
N ALA D 118 4.46 24.18 17.94
CA ALA D 118 5.87 24.54 17.65
C ALA D 118 6.88 23.68 18.46
N LEU D 119 6.69 23.65 19.77
CA LEU D 119 7.50 22.83 20.68
CA LEU D 119 7.55 22.86 20.64
C LEU D 119 7.54 21.37 20.25
N HIS D 120 6.37 20.82 19.96
CA HIS D 120 6.26 19.40 19.64
C HIS D 120 7.03 19.05 18.37
N ALA D 121 6.86 19.86 17.34
CA ALA D 121 7.63 19.71 16.10
C ALA D 121 9.14 19.72 16.35
N LYS D 122 9.63 20.72 17.08
CA LYS D 122 11.06 20.79 17.44
C LYS D 122 11.53 19.59 18.30
N GLU D 123 10.67 19.07 19.18
CA GLU D 123 11.02 17.91 20.03
C GLU D 123 11.02 16.58 19.25
N THR D 124 10.06 16.41 18.35
CA THR D 124 9.82 15.09 17.73
C THR D 124 10.16 15.03 16.25
N GLN D 125 10.53 16.18 15.66
CA GLN D 125 10.74 16.29 14.19
C GLN D 125 9.46 16.09 13.39
N ARG D 126 8.34 16.04 14.08
CA ARG D 126 7.05 15.81 13.46
C ARG D 126 6.67 17.12 12.78
N SER D 127 6.75 17.15 11.45
CA SER D 127 6.47 18.37 10.69
C SER D 127 5.03 18.34 10.25
N ILE D 128 4.19 19.06 10.97
CA ILE D 128 2.74 19.05 10.73
C ILE D 128 2.24 20.47 10.52
N PRO D 129 1.62 20.73 9.37
CA PRO D 129 1.10 22.07 9.10
C PRO D 129 -0.06 22.50 10.01
N ALA D 130 -0.21 23.81 10.18
CA ALA D 130 -1.33 24.37 10.94
C ALA D 130 -1.96 25.52 10.19
N LEU D 131 -3.27 25.65 10.33
CA LEU D 131 -4.05 26.77 9.84
C LEU D 131 -4.60 27.51 11.06
N LEU D 132 -4.48 28.83 11.05
CA LEU D 132 -5.12 29.70 12.05
C LEU D 132 -6.41 30.21 11.45
N LEU D 133 -7.50 29.99 12.17
CA LEU D 133 -8.82 30.47 11.78
C LEU D 133 -9.38 31.50 12.77
N GLY D 134 -9.59 32.72 12.28
CA GLY D 134 -10.38 33.72 12.99
C GLY D 134 -11.83 33.49 12.61
N ASN D 135 -12.53 32.79 13.50
CA ASN D 135 -13.94 32.45 13.36
C ASN D 135 -14.87 33.56 13.84
N LYS D 136 -16.15 33.40 13.49
CA LYS D 136 -17.21 34.35 13.81
C LYS D 136 -17.04 35.68 13.06
N LEU D 137 -16.56 35.59 11.82
CA LEU D 137 -16.47 36.72 10.88
C LEU D 137 -17.79 37.49 10.75
N ASP D 138 -18.90 36.78 10.81
CA ASP D 138 -20.22 37.40 10.78
C ASP D 138 -20.46 38.41 11.93
N MET D 139 -19.62 38.36 12.96
CA MET D 139 -19.69 39.24 14.13
C MET D 139 -18.65 40.38 14.07
N ALA D 140 -18.22 40.72 12.84
CA ALA D 140 -17.07 41.63 12.60
C ALA D 140 -17.34 43.08 13.00
N GLN D 141 -18.60 43.44 13.15
CA GLN D 141 -18.97 44.75 13.70
C GLN D 141 -18.81 44.79 15.23
N TYR D 142 -18.44 43.66 15.81
CA TYR D 142 -18.18 43.51 17.27
C TYR D 142 -16.81 42.87 17.49
N ARG D 143 -15.91 43.23 16.59
CA ARG D 143 -14.58 42.70 16.50
C ARG D 143 -13.72 43.21 17.67
N GLN D 144 -13.03 42.27 18.34
CA GLN D 144 -12.02 42.57 19.36
C GLN D 144 -10.61 42.35 18.80
N VAL D 145 -10.51 41.56 17.73
CA VAL D 145 -9.24 41.22 17.10
C VAL D 145 -9.28 41.61 15.61
N THR D 146 -8.32 42.39 15.14
CA THR D 146 -8.27 42.76 13.72
C THR D 146 -7.69 41.63 12.87
N LYS D 147 -7.99 41.65 11.58
CA LYS D 147 -7.40 40.65 10.65
C LYS D 147 -5.89 40.74 10.59
N ALA D 148 -5.36 41.97 10.64
CA ALA D 148 -3.90 42.20 10.71
C ALA D 148 -3.27 41.48 11.90
N GLU D 149 -3.99 41.43 13.03
CA GLU D 149 -3.53 40.74 14.21
C GLU D 149 -3.46 39.24 13.98
N GLY D 150 -4.43 38.72 13.22
CA GLY D 150 -4.41 37.34 12.77
C GLY D 150 -3.23 36.99 11.88
N VAL D 151 -2.99 37.84 10.88
CA VAL D 151 -1.87 37.71 9.96
C VAL D 151 -0.54 37.71 10.71
N ALA D 152 -0.37 38.69 11.61
CA ALA D 152 0.86 38.80 12.41
C ALA D 152 1.06 37.55 13.25
N LEU D 153 0.01 37.09 13.94
CA LEU D 153 0.11 35.86 14.77
C LEU D 153 0.56 34.69 13.90
N ALA D 154 -0.11 34.53 12.76
CA ALA D 154 0.25 33.52 11.77
C ALA D 154 1.75 33.58 11.40
N GLY D 155 2.27 34.80 11.28
CA GLY D 155 3.70 35.02 11.00
C GLY D 155 4.68 34.53 12.06
N ARG D 156 4.27 34.59 13.32
CA ARG D 156 5.10 34.13 14.43
C ARG D 156 5.37 32.63 14.32
N PHE D 157 4.41 31.88 13.79
CA PHE D 157 4.52 30.40 13.73
C PHE D 157 4.59 29.83 12.33
N GLY D 158 4.60 30.71 11.32
CA GLY D 158 4.79 30.28 9.93
C GLY D 158 3.64 29.46 9.40
N CYS D 159 2.42 29.82 9.80
CA CYS D 159 1.26 29.01 9.44
C CYS D 159 0.30 29.81 8.55
N LEU D 160 -0.59 29.09 7.84
CA LEU D 160 -1.64 29.71 7.04
C LEU D 160 -2.65 30.41 7.96
N PHE D 161 -3.41 31.36 7.39
CA PHE D 161 -4.42 32.12 8.11
C PHE D 161 -5.65 32.44 7.27
N PHE D 162 -6.83 32.23 7.85
CA PHE D 162 -8.11 32.54 7.21
C PHE D 162 -9.11 33.09 8.22
N GLU D 163 -9.92 34.06 7.80
CA GLU D 163 -11.07 34.46 8.59
C GLU D 163 -12.32 33.76 8.05
N VAL D 164 -13.10 33.18 8.96
CA VAL D 164 -14.20 32.29 8.60
C VAL D 164 -15.42 32.52 9.51
N SER D 165 -16.52 31.88 9.13
CA SER D 165 -17.74 31.86 9.92
C SER D 165 -18.47 30.52 9.73
N ALA D 166 -18.93 29.94 10.85
CA ALA D 166 -19.80 28.74 10.77
C ALA D 166 -21.27 29.05 10.39
N CYS D 167 -21.66 30.32 10.30
CA CYS D 167 -23.04 30.64 9.88
C CYS D 167 -23.14 31.55 8.64
N LEU D 168 -22.17 31.42 7.72
CA LEU D 168 -22.28 31.99 6.35
C LEU D 168 -22.24 30.80 5.37
N ASP D 169 -21.62 30.94 4.19
CA ASP D 169 -21.77 29.89 3.18
C ASP D 169 -21.00 28.61 3.56
N PHE D 170 -21.43 27.46 3.03
CA PHE D 170 -20.70 26.21 3.28
C PHE D 170 -19.33 26.20 2.59
N GLU D 171 -19.25 26.81 1.40
CA GLU D 171 -18.11 26.64 0.51
C GLU D 171 -16.79 27.17 1.09
N HIS D 172 -16.84 28.32 1.79
CA HIS D 172 -15.62 28.88 2.38
C HIS D 172 -15.09 28.05 3.55
N VAL D 173 -15.99 27.47 4.34
CA VAL D 173 -15.63 26.54 5.44
C VAL D 173 -15.03 25.24 4.85
N GLN D 174 -15.70 24.67 3.85
CA GLN D 174 -15.12 23.55 3.09
C GLN D 174 -13.71 23.86 2.55
N HIS D 175 -13.50 25.08 2.06
CA HIS D 175 -12.17 25.44 1.56
C HIS D 175 -11.06 25.33 2.59
N VAL D 176 -11.30 25.82 3.80
CA VAL D 176 -10.24 25.78 4.82
C VAL D 176 -9.92 24.34 5.27
N PHE D 177 -10.95 23.49 5.35
CA PHE D 177 -10.74 22.05 5.61
C PHE D 177 -9.97 21.38 4.46
N HIS D 178 -10.27 21.77 3.23
CA HIS D 178 -9.56 21.22 2.06
C HIS D 178 -8.12 21.75 2.02
N GLU D 179 -7.94 23.01 2.40
CA GLU D 179 -6.62 23.58 2.52
C GLU D 179 -5.76 22.80 3.52
N ALA D 180 -6.35 22.41 4.65
CA ALA D 180 -5.62 21.61 5.63
C ALA D 180 -5.17 20.26 5.03
N VAL D 181 -6.03 19.65 4.20
CA VAL D 181 -5.74 18.36 3.53
C VAL D 181 -4.60 18.55 2.51
N ARG D 182 -4.72 19.60 1.70
CA ARG D 182 -3.65 20.03 0.80
C ARG D 182 -2.33 20.19 1.51
N GLU D 183 -2.35 20.88 2.66
CA GLU D 183 -1.19 21.03 3.51
C GLU D 183 -0.68 19.69 4.01
N ALA D 184 -1.59 18.81 4.41
CA ALA D 184 -1.24 17.46 4.84
C ALA D 184 -0.63 16.62 3.71
N ARG D 185 -1.16 16.79 2.49
CA ARG D 185 -0.71 16.04 1.29
C ARG D 185 0.54 16.65 0.67
N ARG D 186 0.73 17.96 0.87
CA ARG D 186 1.95 18.65 0.45
C ARG D 186 3.00 18.56 1.55
MG MG E . -11.91 -3.97 -24.64
MG MG F . -25.38 -1.62 -26.83
PB GDP G . -8.67 -3.27 -23.87
O1B GDP G . -8.24 -3.81 -25.17
O2B GDP G . -8.30 -1.73 -23.69
O3B GDP G . -10.25 -3.36 -23.64
O3A GDP G . -7.95 -4.01 -22.61
PA GDP G . -8.43 -5.39 -21.93
O1A GDP G . -9.34 -5.12 -20.79
O2A GDP G . -8.86 -6.34 -22.99
O5' GDP G . -7.02 -5.86 -21.33
C5' GDP G . -5.91 -6.12 -22.20
C4' GDP G . -4.82 -6.96 -21.52
O4' GDP G . -4.29 -6.29 -20.35
C3' GDP G . -5.40 -8.27 -21.02
O3' GDP G . -4.33 -9.25 -20.99
C2' GDP G . -5.80 -7.93 -19.60
O2' GDP G . -5.78 -9.11 -18.79
C1' GDP G . -4.66 -7.03 -19.17
N9 GDP G . -5.03 -6.05 -18.11
C8 GDP G . -6.04 -5.14 -18.16
N7 GDP G . -5.99 -4.38 -17.04
C5 GDP G . -4.93 -4.78 -16.31
C6 GDP G . -4.37 -4.33 -15.10
O6 GDP G . -4.85 -3.39 -14.45
N1 GDP G . -3.23 -4.97 -14.65
C2 GDP G . -2.67 -6.03 -15.38
N2 GDP G . -1.57 -6.64 -14.91
N3 GDP G . -3.22 -6.42 -16.53
C4 GDP G . -4.33 -5.82 -17.01
UNK UNX H . 6.86 6.58 -11.71
MG MG I . 15.39 -19.99 -3.62
MG MG J . 14.26 -7.17 -9.09
PB GDP K . 14.53 -23.30 -3.21
O1B GDP K . 14.34 -22.93 -1.78
O2B GDP K . 13.22 -23.93 -3.89
O3B GDP K . 14.95 -22.07 -4.10
O3A GDP K . 15.66 -24.46 -3.36
PA GDP K . 17.23 -24.19 -3.48
O1A GDP K . 17.58 -23.94 -4.91
O2A GDP K . 17.64 -23.22 -2.46
O5' GDP K . 17.77 -25.66 -3.10
C5' GDP K . 17.42 -26.21 -1.83
C4' GDP K . 18.31 -27.39 -1.50
O4' GDP K . 18.12 -28.39 -2.52
C3' GDP K . 19.78 -26.95 -1.57
O3' GDP K . 20.50 -27.65 -0.54
C2' GDP K . 20.20 -27.38 -2.97
O2' GDP K . 21.62 -27.70 -3.02
C1' GDP K . 19.38 -28.63 -3.17
N9 GDP K . 19.06 -28.88 -4.60
C8 GDP K . 18.41 -28.07 -5.45
N7 GDP K . 18.23 -28.70 -6.62
C5 GDP K . 18.75 -29.92 -6.49
C6 GDP K . 18.86 -31.01 -7.36
O6 GDP K . 18.43 -30.96 -8.51
N1 GDP K . 19.48 -32.17 -6.91
C2 GDP K . 19.96 -32.23 -5.60
N2 GDP K . 20.56 -33.33 -5.18
N3 GDP K . 19.85 -31.17 -4.79
C4 GDP K . 19.26 -30.04 -5.20
MG MG L . 13.66 2.30 10.68
MG MG M . 27.49 -0.22 12.57
PB GDP N . 10.32 1.63 10.93
O1B GDP N . 10.30 1.64 9.45
O2B GDP N . 9.89 0.22 11.54
O3B GDP N . 11.77 1.97 11.53
O3A GDP N . 9.29 2.74 11.53
PA GDP N . 9.70 4.28 11.88
O1A GDP N . 10.36 4.32 13.21
O2A GDP N . 10.39 4.88 10.73
O5' GDP N . 8.24 4.95 11.98
C5' GDP N . 7.29 4.71 10.95
C4' GDP N . 6.16 5.75 10.95
O4' GDP N . 5.26 5.47 12.04
C3' GDP N . 6.71 7.15 11.21
O3' GDP N . 5.81 8.13 10.66
C2' GDP N . 6.70 7.24 12.72
O2' GDP N . 6.54 8.60 13.13
C1' GDP N . 5.43 6.49 13.04
N9 GDP N . 5.49 5.84 14.36
C8 GDP N . 6.44 5.01 14.83
N7 GDP N . 6.07 4.58 16.04
C5 GDP N . 4.89 5.14 16.33
C6 GDP N . 4.03 5.04 17.40
O6 GDP N . 4.31 4.35 18.38
N1 GDP N . 2.83 5.75 17.36
C2 GDP N . 2.51 6.54 16.27
N2 GDP N . 1.36 7.23 16.25
N3 GDP N . 3.36 6.60 15.23
C4 GDP N . 4.52 5.92 15.24
UNK UNX O . 9.23 12.32 24.12
MG MG P . -17.02 22.12 20.90
PB GDP Q . -16.37 25.33 20.70
O1B GDP Q . -16.38 25.34 22.17
O2B GDP Q . -14.95 25.82 20.14
O3B GDP Q . -16.66 23.91 20.08
O3A GDP Q . -17.44 26.38 20.10
PA GDP Q . -18.96 26.01 19.67
O1A GDP Q . -18.95 25.49 18.28
O2A GDP Q . -19.63 25.25 20.76
O5' GDP Q . -19.55 27.49 19.61
C5' GDP Q . -19.50 28.31 20.79
C4' GDP Q . -20.57 29.39 20.73
O4' GDP Q . -20.29 30.29 19.63
C3' GDP Q . -21.93 28.77 20.43
O3' GDP Q . -22.94 29.53 21.10
C2' GDP Q . -22.05 28.87 18.93
O2' GDP Q . -23.42 28.97 18.53
C1' GDP Q . -21.35 30.19 18.65
N9 GDP Q . -20.70 30.21 17.30
C8 GDP Q . -19.84 29.29 16.79
N7 GDP Q . -19.43 29.71 15.59
C5 GDP Q . -20.01 30.88 15.34
C6 GDP Q . -19.95 31.75 14.27
O6 GDP Q . -19.24 31.52 13.30
N1 GDP Q . -20.66 32.94 14.32
C2 GDP Q . -21.46 33.23 15.42
N2 GDP Q . -22.18 34.36 15.45
N3 GDP Q . -21.51 32.37 16.46
C4 GDP Q . -20.80 31.21 16.43
UNK UNX R . -17.29 7.68 19.20
#